data_9EQ0
#
_entry.id   9EQ0
#
_cell.length_a   126.497
_cell.length_b   126.497
_cell.length_c   126.444
_cell.angle_alpha   90.00
_cell.angle_beta   90.00
_cell.angle_gamma   90.00
#
_symmetry.space_group_name_H-M   'P 43 21 2'
#
loop_
_entity.id
_entity.type
_entity.pdbx_description
1 polymer 'Casein kinase II subunit alpha'
2 non-polymer 'SULFATE ION'
3 non-polymer ~{N}-[4-[(3-chloranyl-4-phenyl-phenyl)methylamino]butyl]isoquinoline-5-sulfonamide
4 water water
#
_entity_poly.entity_id   1
_entity_poly.type   'polypeptide(L)'
_entity_poly.pdbx_seq_one_letter_code
;SMSGPVPSRARVYTDVNTHRPREYWDYESHVVEWGNQDDYQLVRKLGRGKYSEVFEAINITNNEKVVVKILKPVKKKKIK
REIKILENLRGGPNIITLADIVKDPVSRTPALVFEHVNNTDFKQLYQTLTDYDIRFYMYEILKALDYCHSMGIMHRDVKP
HNVMIDHEHRKLRLIDWGLAEFYHPGQEYNVRVASRYFKGPELLVDYQMYDYSLDMWSLGCMLASMIFRKEPFFHGHDNY
DQLVRIAKVLGTEDLYDYIDKYNIELDPRFNDILGRHSRKRWERFVHSENQHLVSPEALDFLDKLLRYDHQSRLTAREAM
EHPYFYTVVKDQARMGSS
;
_entity_poly.pdbx_strand_id   A,B
#
loop_
_chem_comp.id
_chem_comp.type
_chem_comp.name
_chem_comp.formula
A1H6D non-polymer ~{N}-[4-[(3-chloranyl-4-phenyl-phenyl)methylamino]butyl]isoquinoline-5-sulfonamide 'C26 H26 Cl N3 O2 S'
SO4 non-polymer 'SULFATE ION' 'O4 S -2'
#
# COMPACT_ATOMS: atom_id res chain seq x y z
N GLY A 4 -25.97 -25.03 6.48
CA GLY A 4 -25.14 -24.87 5.26
C GLY A 4 -24.60 -23.43 5.10
N PRO A 5 -24.36 -22.93 3.88
CA PRO A 5 -23.67 -21.64 3.68
C PRO A 5 -24.56 -20.44 4.06
N VAL A 6 -23.94 -19.40 4.59
CA VAL A 6 -24.61 -18.15 4.92
C VAL A 6 -24.94 -17.42 3.62
N PRO A 7 -26.16 -16.88 3.46
CA PRO A 7 -26.53 -16.17 2.23
C PRO A 7 -25.82 -14.82 2.13
N SER A 8 -25.86 -14.25 0.93
CA SER A 8 -25.24 -12.97 0.62
C SER A 8 -26.14 -12.19 -0.34
N ARG A 9 -26.06 -10.87 -0.24
CA ARG A 9 -26.71 -9.95 -1.18
C ARG A 9 -25.72 -8.90 -1.67
N ALA A 10 -25.90 -8.49 -2.93
CA ALA A 10 -25.14 -7.40 -3.50
C ALA A 10 -25.24 -6.18 -2.60
N ARG A 11 -24.10 -5.48 -2.38
CA ARG A 11 -24.05 -4.19 -1.70
C ARG A 11 -24.68 -3.09 -2.56
N VAL A 12 -24.65 -3.24 -3.88
CA VAL A 12 -25.25 -2.24 -4.75
C VAL A 12 -26.08 -2.94 -5.80
N TYR A 13 -27.00 -2.16 -6.38
CA TYR A 13 -27.84 -2.58 -7.50
C TYR A 13 -28.58 -3.87 -7.13
N THR A 14 -28.97 -4.01 -5.86
CA THR A 14 -29.43 -5.29 -5.33
C THR A 14 -30.74 -5.71 -5.99
N ASP A 15 -31.64 -4.74 -6.16
CA ASP A 15 -33.03 -5.01 -6.49
C ASP A 15 -33.39 -4.43 -7.85
N VAL A 16 -32.38 -4.09 -8.67
CA VAL A 16 -32.72 -3.35 -9.90
C VAL A 16 -33.57 -4.20 -10.85
N ASN A 17 -33.38 -5.53 -10.87
CA ASN A 17 -34.16 -6.40 -11.75
C ASN A 17 -35.56 -6.65 -11.17
N THR A 18 -35.66 -6.65 -9.83
CA THR A 18 -36.94 -6.96 -9.22
C THR A 18 -37.91 -5.83 -9.62
N HIS A 19 -37.38 -4.61 -9.77
CA HIS A 19 -38.18 -3.42 -10.05
C HIS A 19 -38.48 -3.27 -11.55
N ARG A 20 -37.84 -4.04 -12.42
CA ARG A 20 -38.08 -4.01 -13.85
C ARG A 20 -39.25 -4.92 -14.18
N PRO A 21 -39.85 -4.77 -15.38
CA PRO A 21 -40.85 -5.71 -15.81
C PRO A 21 -40.17 -7.09 -15.94
N ARG A 22 -40.96 -8.15 -15.79
CA ARG A 22 -40.40 -9.51 -15.88
C ARG A 22 -39.71 -9.69 -17.24
N GLU A 23 -40.31 -9.15 -18.29
CA GLU A 23 -39.76 -9.36 -19.65
C GLU A 23 -38.29 -8.96 -19.68
N TYR A 24 -37.90 -8.00 -18.86
CA TYR A 24 -36.53 -7.50 -18.92
C TYR A 24 -35.54 -8.63 -18.61
N TRP A 25 -35.85 -9.45 -17.61
CA TRP A 25 -34.89 -10.43 -17.11
C TRP A 25 -35.34 -11.86 -17.41
N ASP A 26 -36.59 -12.04 -17.84
CA ASP A 26 -37.10 -13.40 -18.01
C ASP A 26 -36.82 -13.82 -19.44
N TYR A 27 -35.53 -14.00 -19.77
CA TYR A 27 -35.08 -14.09 -21.14
C TYR A 27 -35.56 -15.39 -21.82
N GLU A 28 -35.88 -16.42 -21.02
CA GLU A 28 -36.39 -17.68 -21.56
C GLU A 28 -37.65 -17.42 -22.39
N SER A 29 -38.44 -16.39 -22.00
CA SER A 29 -39.70 -16.08 -22.68
C SER A 29 -39.51 -15.15 -23.87
N HIS A 30 -38.30 -14.65 -24.09
CA HIS A 30 -38.03 -13.79 -25.25
C HIS A 30 -38.12 -14.63 -26.52
N VAL A 31 -38.79 -14.07 -27.55
CA VAL A 31 -38.92 -14.69 -28.86
C VAL A 31 -37.96 -13.99 -29.83
N VAL A 32 -37.03 -14.77 -30.39
CA VAL A 32 -35.99 -14.21 -31.23
C VAL A 32 -36.51 -14.23 -32.66
N GLU A 33 -36.57 -13.07 -33.32
CA GLU A 33 -36.76 -13.01 -34.77
C GLU A 33 -35.40 -13.02 -35.44
N TRP A 34 -35.11 -14.11 -36.16
CA TRP A 34 -33.89 -14.25 -36.98
C TRP A 34 -34.00 -13.62 -38.37
N GLY A 35 -33.01 -12.79 -38.70
CA GLY A 35 -32.81 -12.31 -40.04
C GLY A 35 -32.02 -13.31 -40.89
N ASN A 36 -31.73 -12.86 -42.11
CA ASN A 36 -31.22 -13.69 -43.18
C ASN A 36 -29.71 -13.44 -43.33
N GLN A 37 -28.94 -14.51 -43.06
CA GLN A 37 -27.48 -14.42 -43.12
C GLN A 37 -27.00 -14.00 -44.52
N ASP A 38 -27.75 -14.31 -45.57
CA ASP A 38 -27.32 -14.02 -46.91
C ASP A 38 -27.35 -12.52 -47.20
N ASP A 39 -27.87 -11.71 -46.27
CA ASP A 39 -27.61 -10.27 -46.31
C ASP A 39 -26.16 -9.92 -45.93
N TYR A 40 -25.43 -10.89 -45.33
CA TYR A 40 -24.02 -10.77 -45.02
C TYR A 40 -23.19 -11.75 -45.85
N GLN A 41 -22.05 -11.23 -46.33
CA GLN A 41 -21.01 -12.06 -46.91
C GLN A 41 -19.78 -11.99 -46.01
N LEU A 42 -19.27 -13.16 -45.58
CA LEU A 42 -18.06 -13.25 -44.77
C LEU A 42 -16.84 -12.88 -45.62
N VAL A 43 -15.95 -12.05 -45.02
CA VAL A 43 -14.72 -11.58 -45.66
C VAL A 43 -13.48 -12.35 -45.14
N ARG A 44 -13.28 -12.38 -43.83
CA ARG A 44 -12.14 -13.10 -43.29
C ARG A 44 -12.43 -13.44 -41.84
N LYS A 45 -11.74 -14.48 -41.39
CA LYS A 45 -11.83 -14.94 -40.02
C LYS A 45 -11.00 -14.00 -39.13
N LEU A 46 -11.57 -13.59 -37.99
CA LEU A 46 -10.92 -12.70 -37.05
C LEU A 46 -10.41 -13.43 -35.81
N GLY A 47 -11.04 -14.54 -35.43
CA GLY A 47 -10.49 -15.38 -34.39
C GLY A 47 -11.54 -16.37 -33.89
N ARG A 48 -11.10 -17.51 -33.31
CA ARG A 48 -11.96 -18.56 -32.75
C ARG A 48 -11.99 -18.38 -31.23
N GLY A 49 -13.18 -18.60 -30.64
CA GLY A 49 -13.42 -18.63 -29.20
C GLY A 49 -14.01 -19.99 -28.78
N LYS A 50 -14.35 -20.12 -27.48
CA LYS A 50 -14.70 -21.41 -26.92
C LYS A 50 -16.04 -21.87 -27.49
N TYR A 51 -16.98 -20.92 -27.63
CA TYR A 51 -18.33 -21.20 -28.09
C TYR A 51 -18.68 -20.41 -29.34
N SER A 52 -17.68 -19.76 -29.98
CA SER A 52 -17.94 -18.84 -31.10
C SER A 52 -16.70 -18.59 -31.96
N GLU A 53 -16.94 -18.40 -33.27
CA GLU A 53 -15.94 -18.04 -34.26
C GLU A 53 -16.39 -16.75 -34.92
N VAL A 54 -15.46 -15.78 -35.03
CA VAL A 54 -15.77 -14.40 -35.38
C VAL A 54 -15.15 -14.08 -36.74
N PHE A 55 -15.95 -13.44 -37.59
CA PHE A 55 -15.58 -13.03 -38.95
C PHE A 55 -15.82 -11.54 -39.16
N GLU A 56 -14.98 -10.94 -40.00
CA GLU A 56 -15.32 -9.67 -40.61
C GLU A 56 -16.23 -9.97 -41.79
N ALA A 57 -17.30 -9.18 -41.96
CA ALA A 57 -18.23 -9.43 -43.04
C ALA A 57 -18.71 -8.10 -43.56
N ILE A 58 -19.50 -8.17 -44.63
CA ILE A 58 -20.11 -7.03 -45.25
C ILE A 58 -21.63 -7.25 -45.34
N ASN A 59 -22.39 -6.24 -44.93
CA ASN A 59 -23.82 -6.24 -45.16
C ASN A 59 -24.04 -5.77 -46.60
N ILE A 60 -24.46 -6.67 -47.50
CA ILE A 60 -24.49 -6.37 -48.93
C ILE A 60 -25.68 -5.47 -49.26
N THR A 61 -26.63 -5.27 -48.32
CA THR A 61 -27.77 -4.39 -48.55
C THR A 61 -27.30 -2.92 -48.58
N ASN A 62 -26.30 -2.59 -47.76
CA ASN A 62 -25.86 -1.22 -47.60
C ASN A 62 -24.32 -1.09 -47.53
N ASN A 63 -23.59 -2.18 -47.82
CA ASN A 63 -22.12 -2.23 -47.93
C ASN A 63 -21.42 -1.79 -46.65
N GLU A 64 -22.05 -1.95 -45.48
CA GLU A 64 -21.38 -1.65 -44.21
C GLU A 64 -20.56 -2.88 -43.77
N LYS A 65 -19.33 -2.61 -43.27
CA LYS A 65 -18.50 -3.59 -42.57
C LYS A 65 -19.14 -3.90 -41.20
N VAL A 66 -19.21 -5.19 -40.85
CA VAL A 66 -19.77 -5.65 -39.59
C VAL A 66 -18.95 -6.84 -39.16
N VAL A 67 -19.21 -7.29 -37.94
CA VAL A 67 -18.59 -8.48 -37.37
C VAL A 67 -19.67 -9.52 -37.13
N VAL A 68 -19.44 -10.77 -37.58
CA VAL A 68 -20.39 -11.86 -37.39
C VAL A 68 -19.77 -12.89 -36.47
N LYS A 69 -20.45 -13.19 -35.38
CA LYS A 69 -20.04 -14.16 -34.39
C LYS A 69 -20.98 -15.36 -34.54
N ILE A 70 -20.44 -16.44 -35.12
CA ILE A 70 -21.16 -17.68 -35.36
C ILE A 70 -21.10 -18.46 -34.06
N LEU A 71 -22.27 -18.80 -33.48
CA LEU A 71 -22.28 -19.54 -32.22
C LEU A 71 -22.09 -21.02 -32.48
N LYS A 72 -21.14 -21.64 -31.74
CA LYS A 72 -21.03 -23.09 -31.69
C LYS A 72 -22.27 -23.62 -30.96
N PRO A 73 -22.62 -24.94 -31.08
CA PRO A 73 -23.80 -25.47 -30.40
C PRO A 73 -23.80 -25.21 -28.89
N VAL A 74 -24.83 -24.50 -28.44
CA VAL A 74 -25.09 -24.12 -27.05
C VAL A 74 -26.63 -24.03 -26.90
N LYS A 75 -27.11 -24.36 -25.70
CA LYS A 75 -28.57 -24.43 -25.42
C LYS A 75 -29.31 -23.15 -25.82
N LYS A 76 -30.53 -23.30 -26.34
CA LYS A 76 -31.26 -22.14 -26.83
C LYS A 76 -31.46 -21.13 -25.72
N LYS A 77 -31.59 -21.57 -24.45
CA LYS A 77 -31.74 -20.65 -23.34
C LYS A 77 -30.58 -19.64 -23.26
N LYS A 78 -29.37 -20.15 -23.46
CA LYS A 78 -28.14 -19.35 -23.38
C LYS A 78 -28.03 -18.41 -24.57
N ILE A 79 -28.49 -18.76 -25.77
CA ILE A 79 -28.53 -17.83 -26.90
C ILE A 79 -29.53 -16.71 -26.62
N LYS A 80 -30.72 -17.09 -26.09
CA LYS A 80 -31.73 -16.08 -25.76
C LYS A 80 -31.17 -15.11 -24.70
N ARG A 81 -30.48 -15.67 -23.71
CA ARG A 81 -29.93 -14.88 -22.62
C ARG A 81 -28.95 -13.85 -23.17
N GLU A 82 -28.01 -14.26 -24.03
CA GLU A 82 -27.00 -13.35 -24.57
C GLU A 82 -27.69 -12.28 -25.40
N ILE A 83 -28.66 -12.65 -26.25
CA ILE A 83 -29.36 -11.67 -27.06
C ILE A 83 -30.09 -10.64 -26.17
N LYS A 84 -30.82 -11.13 -25.17
CA LYS A 84 -31.59 -10.25 -24.33
C LYS A 84 -30.68 -9.26 -23.60
N ILE A 85 -29.57 -9.77 -23.07
CA ILE A 85 -28.61 -8.93 -22.37
C ILE A 85 -28.03 -7.87 -23.32
N LEU A 86 -27.63 -8.28 -24.52
CA LEU A 86 -27.08 -7.34 -25.49
C LEU A 86 -28.09 -6.27 -25.84
N GLU A 87 -29.36 -6.65 -25.98
CA GLU A 87 -30.41 -5.69 -26.31
C GLU A 87 -30.65 -4.75 -25.13
N ASN A 88 -30.67 -5.29 -23.91
CA ASN A 88 -30.91 -4.47 -22.72
C ASN A 88 -29.79 -3.43 -22.56
N LEU A 89 -28.55 -3.81 -22.90
CA LEU A 89 -27.37 -2.97 -22.66
C LEU A 89 -27.03 -2.07 -23.85
N ARG A 90 -27.69 -2.27 -24.99
CA ARG A 90 -27.34 -1.61 -26.24
C ARG A 90 -27.34 -0.10 -26.05
N GLY A 91 -26.29 0.58 -26.52
CA GLY A 91 -26.17 2.02 -26.33
C GLY A 91 -25.48 2.43 -25.04
N GLY A 92 -25.20 1.49 -24.14
CA GLY A 92 -24.51 1.80 -22.90
C GLY A 92 -23.04 2.05 -23.15
N PRO A 93 -22.38 2.77 -22.23
CA PRO A 93 -20.96 3.06 -22.34
C PRO A 93 -20.06 1.84 -22.53
N ASN A 94 -19.37 1.85 -23.69
CA ASN A 94 -18.37 0.86 -24.03
C ASN A 94 -18.97 -0.55 -24.17
N ILE A 95 -20.29 -0.67 -24.37
CA ILE A 95 -20.86 -1.99 -24.61
C ILE A 95 -20.85 -2.25 -26.12
N ILE A 96 -20.41 -3.43 -26.55
CA ILE A 96 -20.55 -3.83 -27.95
C ILE A 96 -22.00 -3.68 -28.42
N THR A 97 -22.20 -3.15 -29.63
CA THR A 97 -23.55 -2.94 -30.16
C THR A 97 -23.97 -4.09 -31.07
N LEU A 98 -25.02 -4.79 -30.65
CA LEU A 98 -25.61 -5.85 -31.44
C LEU A 98 -26.49 -5.22 -32.53
N ALA A 99 -26.11 -5.42 -33.78
CA ALA A 99 -26.83 -4.91 -34.94
C ALA A 99 -27.91 -5.87 -35.45
N ASP A 100 -27.77 -7.19 -35.31
CA ASP A 100 -28.65 -8.11 -36.02
C ASP A 100 -28.43 -9.51 -35.49
N ILE A 101 -29.35 -10.40 -35.79
CA ILE A 101 -29.34 -11.77 -35.30
C ILE A 101 -29.80 -12.63 -36.46
N VAL A 102 -28.96 -13.56 -36.95
CA VAL A 102 -29.26 -14.21 -38.23
C VAL A 102 -29.03 -15.71 -38.09
N LYS A 103 -29.59 -16.46 -39.02
CA LYS A 103 -29.48 -17.91 -39.05
C LYS A 103 -29.19 -18.26 -40.48
N ASP A 104 -28.25 -19.20 -40.66
CA ASP A 104 -27.85 -19.68 -41.98
C ASP A 104 -29.00 -20.54 -42.54
N PRO A 105 -29.55 -20.20 -43.74
CA PRO A 105 -30.68 -20.94 -44.33
C PRO A 105 -30.53 -22.44 -44.55
N VAL A 106 -29.31 -22.94 -44.74
CA VAL A 106 -29.13 -24.39 -44.70
C VAL A 106 -28.91 -24.78 -43.23
N SER A 107 -27.70 -24.59 -42.72
CA SER A 107 -27.24 -25.23 -41.49
C SER A 107 -28.16 -24.91 -40.31
N ARG A 108 -28.84 -23.76 -40.37
CA ARG A 108 -29.63 -23.24 -39.27
C ARG A 108 -28.75 -22.89 -38.06
N THR A 109 -27.42 -22.67 -38.24
CA THR A 109 -26.53 -22.15 -37.21
C THR A 109 -26.76 -20.65 -36.96
N PRO A 110 -26.94 -20.21 -35.67
CA PRO A 110 -27.22 -18.83 -35.35
C PRO A 110 -25.96 -17.95 -35.21
N ALA A 111 -26.10 -16.70 -35.58
CA ALA A 111 -24.98 -15.76 -35.62
C ALA A 111 -25.46 -14.43 -35.05
N LEU A 112 -24.60 -13.80 -34.26
CA LEU A 112 -24.81 -12.41 -33.83
C LEU A 112 -24.03 -11.49 -34.78
N VAL A 113 -24.64 -10.37 -35.17
CA VAL A 113 -24.01 -9.41 -36.03
C VAL A 113 -23.76 -8.15 -35.21
N PHE A 114 -22.51 -7.69 -35.15
CA PHE A 114 -22.12 -6.51 -34.40
C PHE A 114 -21.64 -5.40 -35.32
N GLU A 115 -21.70 -4.19 -34.74
CA GLU A 115 -20.93 -3.03 -35.22
C GLU A 115 -19.45 -3.40 -35.32
N HIS A 116 -18.80 -2.88 -36.39
CA HIS A 116 -17.37 -3.10 -36.67
C HIS A 116 -16.46 -2.20 -35.83
N VAL A 117 -15.49 -2.82 -35.17
CA VAL A 117 -14.41 -2.14 -34.48
C VAL A 117 -13.12 -2.88 -34.82
N ASN A 118 -12.00 -2.13 -34.81
CA ASN A 118 -10.68 -2.78 -35.04
C ASN A 118 -10.23 -3.46 -33.74
N ASN A 119 -9.29 -4.40 -33.80
CA ASN A 119 -8.93 -5.19 -32.60
C ASN A 119 -7.71 -4.63 -31.88
N THR A 120 -6.62 -4.36 -32.61
CA THR A 120 -5.35 -3.87 -32.00
C THR A 120 -4.92 -4.84 -30.89
N THR A 128 4.08 -1.57 -25.18
CA THR A 128 4.07 -0.18 -25.63
C THR A 128 2.93 0.60 -25.00
N LEU A 129 2.55 0.10 -23.77
CA LEU A 129 1.44 0.72 -23.00
C LEU A 129 1.98 1.57 -21.85
N THR A 130 1.48 2.79 -21.73
CA THR A 130 1.96 3.72 -20.70
C THR A 130 1.16 3.59 -19.41
N ASP A 131 1.80 3.81 -18.27
CA ASP A 131 1.09 3.85 -17.01
C ASP A 131 -0.24 4.60 -17.19
N TYR A 132 -0.22 5.74 -17.86
CA TYR A 132 -1.42 6.52 -18.10
C TYR A 132 -2.43 5.71 -18.93
N ASP A 133 -1.96 5.05 -19.97
CA ASP A 133 -2.84 4.29 -20.83
C ASP A 133 -3.58 3.22 -20.03
N ILE A 134 -2.88 2.51 -19.14
CA ILE A 134 -3.50 1.45 -18.34
C ILE A 134 -4.59 2.06 -17.46
N ARG A 135 -4.29 3.17 -16.79
CA ARG A 135 -5.30 3.83 -15.96
C ARG A 135 -6.51 4.23 -16.81
N PHE A 136 -6.25 4.80 -17.99
CA PHE A 136 -7.31 5.27 -18.87
C PHE A 136 -8.23 4.13 -19.29
N TYR A 137 -7.64 3.06 -19.82
CA TYR A 137 -8.44 1.95 -20.33
C TYR A 137 -9.12 1.21 -19.16
N MET A 138 -8.48 1.08 -18.00
CA MET A 138 -9.13 0.51 -16.83
C MET A 138 -10.38 1.33 -16.48
N TYR A 139 -10.28 2.66 -16.52
CA TYR A 139 -11.43 3.53 -16.23
C TYR A 139 -12.56 3.25 -17.24
N GLU A 140 -12.20 3.10 -18.52
CA GLU A 140 -13.17 2.84 -19.58
C GLU A 140 -13.88 1.50 -19.32
N ILE A 141 -13.14 0.46 -18.88
CA ILE A 141 -13.74 -0.82 -18.53
C ILE A 141 -14.71 -0.62 -17.37
N LEU A 142 -14.30 0.15 -16.37
CA LEU A 142 -15.13 0.40 -15.20
C LEU A 142 -16.44 1.08 -15.62
N LYS A 143 -16.42 2.00 -16.59
CA LYS A 143 -17.66 2.60 -17.06
C LYS A 143 -18.64 1.53 -17.59
N ALA A 144 -18.12 0.56 -18.36
CA ALA A 144 -18.96 -0.52 -18.89
C ALA A 144 -19.50 -1.40 -17.76
N LEU A 145 -18.66 -1.74 -16.77
CA LEU A 145 -19.06 -2.59 -15.65
C LEU A 145 -20.06 -1.88 -14.75
N ASP A 146 -19.82 -0.62 -14.39
CA ASP A 146 -20.82 0.11 -13.60
C ASP A 146 -22.15 0.11 -14.35
N TYR A 147 -22.09 0.34 -15.66
CA TYR A 147 -23.31 0.38 -16.44
C TYR A 147 -24.04 -0.97 -16.39
N CYS A 148 -23.35 -2.05 -16.74
CA CYS A 148 -24.02 -3.34 -16.80
C CYS A 148 -24.50 -3.76 -15.42
N HIS A 149 -23.71 -3.54 -14.37
CA HIS A 149 -24.14 -3.84 -13.01
C HIS A 149 -25.40 -3.04 -12.65
N SER A 150 -25.42 -1.75 -13.02
CA SER A 150 -26.55 -0.88 -12.72
C SER A 150 -27.81 -1.36 -13.44
N MET A 151 -27.62 -2.08 -14.56
CA MET A 151 -28.66 -2.64 -15.38
C MET A 151 -28.96 -4.09 -14.96
N GLY A 152 -28.42 -4.51 -13.82
CA GLY A 152 -28.78 -5.80 -13.24
C GLY A 152 -28.05 -6.99 -13.87
N ILE A 153 -26.90 -6.78 -14.50
CA ILE A 153 -26.22 -7.83 -15.25
C ILE A 153 -24.76 -7.96 -14.79
N MET A 154 -24.34 -9.22 -14.54
CA MET A 154 -22.96 -9.58 -14.29
C MET A 154 -22.36 -10.09 -15.59
N HIS A 155 -21.15 -9.63 -15.95
CA HIS A 155 -20.48 -10.14 -17.14
C HIS A 155 -20.01 -11.59 -16.94
N ARG A 156 -19.28 -11.83 -15.83
CA ARG A 156 -18.85 -13.14 -15.37
C ARG A 156 -17.68 -13.70 -16.21
N ASP A 157 -17.09 -12.87 -17.09
CA ASP A 157 -16.01 -13.33 -17.95
C ASP A 157 -15.17 -12.12 -18.35
N VAL A 158 -14.90 -11.22 -17.40
CA VAL A 158 -14.01 -10.10 -17.63
C VAL A 158 -12.58 -10.63 -17.70
N LYS A 159 -11.88 -10.30 -18.79
CA LYS A 159 -10.57 -10.84 -19.12
C LYS A 159 -10.14 -10.22 -20.45
N PRO A 160 -8.83 -10.23 -20.77
CA PRO A 160 -8.31 -9.49 -21.91
C PRO A 160 -8.97 -9.83 -23.25
N HIS A 161 -9.30 -11.12 -23.45
CA HIS A 161 -9.92 -11.55 -24.70
C HIS A 161 -11.28 -10.89 -24.92
N ASN A 162 -11.94 -10.47 -23.83
CA ASN A 162 -13.28 -9.90 -23.90
C ASN A 162 -13.25 -8.37 -23.84
N VAL A 163 -12.07 -7.78 -24.05
CA VAL A 163 -11.92 -6.33 -24.09
C VAL A 163 -11.30 -5.95 -25.43
N MET A 164 -12.07 -5.29 -26.27
CA MET A 164 -11.56 -4.80 -27.53
C MET A 164 -11.01 -3.39 -27.33
N ILE A 165 -9.83 -3.10 -27.88
CA ILE A 165 -9.24 -1.77 -27.71
C ILE A 165 -8.75 -1.23 -29.06
N ASP A 166 -9.20 -0.02 -29.42
CA ASP A 166 -8.68 0.66 -30.64
C ASP A 166 -7.94 1.90 -30.15
N HIS A 167 -6.62 1.81 -30.00
CA HIS A 167 -5.83 2.94 -29.43
C HIS A 167 -5.86 4.16 -30.34
N GLU A 168 -5.78 3.93 -31.64
CA GLU A 168 -5.90 5.06 -32.60
C GLU A 168 -7.00 6.00 -32.13
N HIS A 169 -8.19 5.47 -31.87
CA HIS A 169 -9.34 6.30 -31.46
C HIS A 169 -9.53 6.20 -29.95
N ARG A 170 -8.62 5.50 -29.28
CA ARG A 170 -8.67 5.39 -27.81
C ARG A 170 -10.09 4.95 -27.42
N LYS A 171 -10.54 3.83 -28.00
CA LYS A 171 -11.90 3.33 -27.71
C LYS A 171 -11.78 1.96 -27.05
N LEU A 172 -12.79 1.58 -26.27
CA LEU A 172 -12.77 0.30 -25.54
C LEU A 172 -14.17 -0.29 -25.61
N ARG A 173 -14.29 -1.54 -26.04
CA ARG A 173 -15.59 -2.20 -25.95
C ARG A 173 -15.45 -3.49 -25.13
N LEU A 174 -16.40 -3.71 -24.21
CA LEU A 174 -16.57 -4.98 -23.53
C LEU A 174 -17.47 -5.88 -24.38
N ILE A 175 -16.94 -7.07 -24.71
CA ILE A 175 -17.55 -7.99 -25.67
C ILE A 175 -17.81 -9.33 -24.99
N ASP A 176 -18.44 -10.23 -25.74
CA ASP A 176 -18.67 -11.63 -25.40
C ASP A 176 -19.43 -11.78 -24.09
N TRP A 177 -20.73 -11.47 -24.21
CA TRP A 177 -21.67 -11.53 -23.11
C TRP A 177 -22.33 -12.89 -23.03
N GLY A 178 -21.71 -13.92 -23.64
CA GLY A 178 -22.21 -15.29 -23.66
C GLY A 178 -22.26 -15.96 -22.27
N LEU A 179 -21.48 -15.45 -21.29
CA LEU A 179 -21.50 -16.01 -19.95
C LEU A 179 -22.28 -15.13 -18.97
N ALA A 180 -22.70 -13.94 -19.42
CA ALA A 180 -23.35 -12.97 -18.54
C ALA A 180 -24.72 -13.48 -18.05
N GLU A 181 -25.13 -12.99 -16.87
CA GLU A 181 -26.38 -13.42 -16.26
C GLU A 181 -26.94 -12.24 -15.46
N PHE A 182 -28.26 -12.28 -15.25
CA PHE A 182 -28.99 -11.30 -14.46
C PHE A 182 -28.78 -11.60 -12.97
N TYR A 183 -28.56 -10.56 -12.17
CA TYR A 183 -28.47 -10.68 -10.71
C TYR A 183 -29.86 -10.61 -10.06
N HIS A 184 -30.16 -11.64 -9.28
CA HIS A 184 -31.38 -11.68 -8.48
C HIS A 184 -30.97 -12.00 -7.06
N PRO A 185 -31.33 -11.20 -6.05
CA PRO A 185 -30.91 -11.47 -4.68
C PRO A 185 -31.39 -12.84 -4.20
N GLY A 186 -30.46 -13.65 -3.66
CA GLY A 186 -30.82 -14.96 -3.19
C GLY A 186 -30.55 -16.09 -4.19
N GLN A 187 -30.30 -15.75 -5.46
CA GLN A 187 -30.11 -16.78 -6.47
C GLN A 187 -28.73 -17.41 -6.29
N GLU A 188 -28.73 -18.75 -6.42
CA GLU A 188 -27.55 -19.59 -6.45
C GLU A 188 -27.16 -19.85 -7.90
N TYR A 189 -25.96 -19.36 -8.26
CA TYR A 189 -25.45 -19.43 -9.63
C TYR A 189 -24.49 -20.59 -9.80
N ASN A 190 -24.21 -20.92 -11.06
CA ASN A 190 -23.18 -21.88 -11.43
C ASN A 190 -21.82 -21.28 -11.14
N VAL A 191 -20.97 -21.98 -10.39
CA VAL A 191 -19.61 -21.52 -10.12
C VAL A 191 -18.67 -21.88 -11.28
N ARG A 192 -19.12 -22.76 -12.20
CA ARG A 192 -18.23 -23.30 -13.23
C ARG A 192 -18.25 -22.36 -14.43
N VAL A 193 -17.83 -21.09 -14.22
CA VAL A 193 -17.84 -20.08 -15.24
C VAL A 193 -16.51 -19.36 -15.15
N ALA A 194 -16.21 -18.60 -16.22
CA ALA A 194 -15.03 -17.77 -16.33
C ALA A 194 -13.80 -18.60 -16.66
N SER A 195 -12.78 -17.92 -17.15
CA SER A 195 -11.51 -18.57 -17.41
C SER A 195 -10.80 -18.76 -16.07
N ARG A 196 -10.07 -19.89 -15.94
CA ARG A 196 -9.42 -20.31 -14.71
C ARG A 196 -8.71 -19.14 -14.02
N TYR A 197 -7.89 -18.39 -14.79
CA TYR A 197 -7.00 -17.41 -14.20
C TYR A 197 -7.77 -16.23 -13.60
N PHE A 198 -9.05 -16.08 -13.99
CA PHE A 198 -9.85 -14.93 -13.61
C PHE A 198 -10.99 -15.30 -12.67
N LYS A 199 -11.06 -16.59 -12.28
CA LYS A 199 -12.11 -17.03 -11.39
C LYS A 199 -11.92 -16.44 -9.99
N GLY A 200 -13.00 -15.89 -9.43
CA GLY A 200 -13.00 -15.42 -8.06
C GLY A 200 -12.90 -16.57 -7.05
N PRO A 201 -12.39 -16.28 -5.84
CA PRO A 201 -12.40 -17.24 -4.75
C PRO A 201 -13.76 -17.88 -4.52
N GLU A 202 -14.84 -17.11 -4.70
CA GLU A 202 -16.19 -17.62 -4.50
C GLU A 202 -16.42 -18.82 -5.43
N LEU A 203 -15.95 -18.75 -6.67
CA LEU A 203 -16.14 -19.85 -7.59
C LEU A 203 -15.33 -21.06 -7.12
N LEU A 204 -14.09 -20.81 -6.69
CA LEU A 204 -13.14 -21.87 -6.38
C LEU A 204 -13.56 -22.64 -5.12
N VAL A 205 -14.25 -21.97 -4.18
CA VAL A 205 -14.72 -22.62 -2.97
C VAL A 205 -16.17 -23.09 -3.11
N ASP A 206 -16.80 -22.89 -4.29
CA ASP A 206 -18.16 -23.36 -4.58
C ASP A 206 -19.19 -22.58 -3.75
N TYR A 207 -19.04 -21.26 -3.65
CA TYR A 207 -20.00 -20.39 -2.99
C TYR A 207 -20.88 -19.78 -4.07
N GLN A 208 -22.14 -20.20 -4.10
CA GLN A 208 -22.98 -19.98 -5.28
C GLN A 208 -23.72 -18.65 -5.27
N MET A 209 -23.89 -18.01 -4.09
CA MET A 209 -24.72 -16.83 -3.96
C MET A 209 -23.87 -15.58 -4.19
N TYR A 210 -23.17 -15.56 -5.33
CA TYR A 210 -22.24 -14.49 -5.66
C TYR A 210 -22.96 -13.40 -6.48
N ASP A 211 -22.25 -12.32 -6.83
CA ASP A 211 -22.91 -11.15 -7.39
C ASP A 211 -21.97 -10.41 -8.35
N TYR A 212 -22.29 -9.16 -8.66
CA TYR A 212 -21.53 -8.27 -9.53
C TYR A 212 -20.05 -8.22 -9.15
N SER A 213 -19.79 -8.38 -7.84
CA SER A 213 -18.46 -8.29 -7.25
C SER A 213 -17.47 -9.28 -7.90
N LEU A 214 -17.98 -10.37 -8.47
CA LEU A 214 -17.15 -11.32 -9.21
C LEU A 214 -16.35 -10.59 -10.28
N ASP A 215 -17.01 -9.68 -11.00
CA ASP A 215 -16.40 -8.97 -12.11
C ASP A 215 -15.22 -8.13 -11.61
N MET A 216 -15.32 -7.63 -10.38
CA MET A 216 -14.31 -6.77 -9.79
C MET A 216 -13.03 -7.55 -9.46
N TRP A 217 -13.19 -8.81 -9.03
CA TRP A 217 -12.05 -9.70 -8.86
C TRP A 217 -11.34 -9.89 -10.20
N SER A 218 -12.12 -10.26 -11.23
CA SER A 218 -11.55 -10.51 -12.55
C SER A 218 -10.78 -9.28 -13.02
N LEU A 219 -11.36 -8.09 -12.82
CA LEU A 219 -10.73 -6.85 -13.21
C LEU A 219 -9.39 -6.71 -12.48
N GLY A 220 -9.39 -6.97 -11.16
CA GLY A 220 -8.16 -6.91 -10.38
C GLY A 220 -7.09 -7.84 -10.95
N CYS A 221 -7.50 -9.04 -11.39
CA CYS A 221 -6.57 -9.99 -11.99
C CYS A 221 -5.93 -9.39 -13.24
N MET A 222 -6.76 -8.72 -14.06
CA MET A 222 -6.27 -8.06 -15.26
C MET A 222 -5.24 -6.98 -14.89
N LEU A 223 -5.62 -6.13 -13.92
CA LEU A 223 -4.76 -5.03 -13.52
C LEU A 223 -3.41 -5.57 -13.05
N ALA A 224 -3.41 -6.59 -12.19
CA ALA A 224 -2.19 -7.18 -11.68
C ALA A 224 -1.31 -7.64 -12.84
N SER A 225 -1.92 -8.34 -13.80
CA SER A 225 -1.14 -8.89 -14.92
C SER A 225 -0.41 -7.81 -15.72
N MET A 226 -1.06 -6.64 -15.90
CA MET A 226 -0.53 -5.57 -16.72
C MET A 226 0.52 -4.76 -15.96
N ILE A 227 0.25 -4.36 -14.71
CA ILE A 227 1.18 -3.48 -13.99
C ILE A 227 2.40 -4.29 -13.58
N PHE A 228 2.25 -5.60 -13.39
CA PHE A 228 3.38 -6.40 -12.93
C PHE A 228 4.05 -7.13 -14.11
N ARG A 229 3.45 -7.08 -15.31
CA ARG A 229 3.94 -7.82 -16.47
C ARG A 229 4.08 -9.30 -16.09
N LYS A 230 2.96 -9.86 -15.62
CA LYS A 230 2.88 -11.25 -15.25
C LYS A 230 1.51 -11.76 -15.68
N GLU A 231 1.48 -12.44 -16.83
CA GLU A 231 0.27 -13.02 -17.38
C GLU A 231 0.47 -14.53 -17.44
N PRO A 232 -0.34 -15.36 -16.74
CA PRO A 232 -1.38 -14.92 -15.81
C PRO A 232 -0.77 -14.50 -14.47
N PHE A 233 -1.52 -13.73 -13.65
CA PHE A 233 -0.95 -13.37 -12.36
C PHE A 233 -1.04 -14.56 -11.38
N PHE A 234 -2.25 -15.12 -11.24
CA PHE A 234 -2.49 -16.33 -10.49
C PHE A 234 -2.50 -17.51 -11.44
N HIS A 235 -1.33 -18.15 -11.60
CA HIS A 235 -1.21 -19.29 -12.52
C HIS A 235 -1.60 -20.55 -11.76
N GLY A 236 -2.49 -21.33 -12.35
CA GLY A 236 -2.96 -22.54 -11.67
C GLY A 236 -2.91 -23.72 -12.62
N HIS A 237 -2.85 -24.91 -12.06
CA HIS A 237 -2.77 -26.14 -12.88
C HIS A 237 -4.11 -26.84 -12.75
N ASP A 238 -4.83 -26.55 -11.67
CA ASP A 238 -6.19 -27.10 -11.51
C ASP A 238 -6.98 -26.08 -10.68
N ASN A 239 -8.29 -26.06 -10.85
CA ASN A 239 -9.14 -25.14 -10.09
C ASN A 239 -8.73 -25.10 -8.61
N TYR A 240 -8.21 -26.24 -8.11
CA TYR A 240 -7.82 -26.34 -6.72
C TYR A 240 -6.53 -25.54 -6.50
N ASP A 241 -5.53 -25.84 -7.33
CA ASP A 241 -4.26 -25.14 -7.30
C ASP A 241 -4.46 -23.65 -7.60
N GLN A 242 -5.51 -23.27 -8.34
CA GLN A 242 -5.76 -21.86 -8.57
C GLN A 242 -5.94 -21.07 -7.26
N LEU A 243 -6.75 -21.60 -6.34
CA LEU A 243 -6.94 -20.93 -5.06
C LEU A 243 -5.66 -20.99 -4.21
N VAL A 244 -4.86 -22.06 -4.38
CA VAL A 244 -3.58 -22.18 -3.68
C VAL A 244 -2.72 -21.00 -4.14
N ARG A 245 -2.69 -20.72 -5.45
CA ARG A 245 -1.86 -19.63 -5.95
C ARG A 245 -2.34 -18.30 -5.37
N ILE A 246 -3.66 -18.12 -5.28
CA ILE A 246 -4.22 -16.90 -4.68
C ILE A 246 -3.79 -16.84 -3.21
N ALA A 247 -3.92 -17.94 -2.48
CA ALA A 247 -3.65 -18.00 -1.05
C ALA A 247 -2.18 -17.68 -0.74
N LYS A 248 -1.27 -18.02 -1.67
CA LYS A 248 0.14 -17.75 -1.47
C LYS A 248 0.43 -16.26 -1.54
N VAL A 249 -0.52 -15.47 -2.08
CA VAL A 249 -0.36 -14.02 -2.20
C VAL A 249 -1.21 -13.31 -1.14
N LEU A 250 -2.53 -13.56 -1.13
CA LEU A 250 -3.44 -12.89 -0.21
C LEU A 250 -3.33 -13.44 1.21
N GLY A 251 -2.71 -14.62 1.36
CA GLY A 251 -2.52 -15.26 2.65
C GLY A 251 -3.69 -16.14 3.06
N THR A 252 -3.41 -17.13 3.90
CA THR A 252 -4.43 -18.09 4.30
C THR A 252 -5.26 -17.59 5.47
N GLU A 253 -4.78 -16.65 6.31
CA GLU A 253 -5.57 -16.22 7.47
C GLU A 253 -6.92 -15.64 7.03
N ASP A 254 -6.86 -14.74 6.02
CA ASP A 254 -8.04 -14.04 5.51
C ASP A 254 -8.95 -15.02 4.78
N LEU A 255 -8.35 -16.03 4.13
CA LEU A 255 -9.11 -17.04 3.39
C LEU A 255 -9.96 -17.82 4.36
N TYR A 256 -9.37 -18.33 5.44
CA TYR A 256 -10.08 -19.11 6.43
C TYR A 256 -11.09 -18.22 7.17
N ASP A 257 -10.80 -16.91 7.34
CA ASP A 257 -11.80 -16.00 7.92
C ASP A 257 -13.06 -15.92 7.04
N TYR A 258 -12.87 -15.85 5.71
CA TYR A 258 -13.92 -15.76 4.70
C TYR A 258 -14.70 -17.06 4.74
N ILE A 259 -14.01 -18.19 4.76
CA ILE A 259 -14.66 -19.50 4.77
C ILE A 259 -15.53 -19.60 6.02
N ASP A 260 -14.99 -19.16 7.18
CA ASP A 260 -15.78 -19.20 8.41
C ASP A 260 -17.02 -18.29 8.33
N LYS A 261 -16.84 -17.07 7.82
CA LYS A 261 -17.91 -16.07 7.83
C LYS A 261 -19.12 -16.58 7.04
N TYR A 262 -18.86 -17.24 5.91
CA TYR A 262 -19.93 -17.69 5.03
C TYR A 262 -20.28 -19.16 5.26
N ASN A 263 -19.65 -19.80 6.26
CA ASN A 263 -19.89 -21.21 6.57
C ASN A 263 -19.75 -22.06 5.31
N ILE A 264 -18.66 -21.80 4.58
CA ILE A 264 -18.40 -22.54 3.35
C ILE A 264 -17.74 -23.88 3.69
N GLU A 265 -18.11 -24.94 2.97
CA GLU A 265 -17.46 -26.25 3.17
C GLU A 265 -16.41 -26.43 2.07
N LEU A 266 -15.15 -26.65 2.46
CA LEU A 266 -14.07 -26.70 1.43
C LEU A 266 -13.90 -28.14 0.94
N ASP A 267 -14.04 -28.35 -0.36
CA ASP A 267 -13.86 -29.69 -0.96
C ASP A 267 -12.70 -30.40 -0.27
N PRO A 268 -12.76 -31.72 -0.07
CA PRO A 268 -11.64 -32.44 0.48
C PRO A 268 -10.36 -31.96 -0.20
N ARG A 269 -10.30 -32.02 -1.54
CA ARG A 269 -9.05 -31.67 -2.25
C ARG A 269 -8.65 -30.22 -1.99
N PHE A 270 -8.47 -29.84 -0.72
CA PHE A 270 -8.12 -28.45 -0.38
C PHE A 270 -7.51 -28.38 1.01
N ASN A 271 -7.81 -29.39 1.85
CA ASN A 271 -7.34 -29.35 3.25
C ASN A 271 -5.83 -29.55 3.30
N ASP A 272 -5.29 -30.40 2.44
CA ASP A 272 -3.84 -30.71 2.50
C ASP A 272 -3.09 -29.99 1.39
N ILE A 273 -3.73 -29.02 0.74
CA ILE A 273 -3.09 -28.34 -0.42
C ILE A 273 -2.92 -26.83 -0.23
N LEU A 274 -3.70 -26.22 0.67
CA LEU A 274 -3.62 -24.76 0.86
C LEU A 274 -2.50 -24.38 1.84
N GLY A 275 -2.26 -25.24 2.84
CA GLY A 275 -1.29 -24.94 3.89
C GLY A 275 -1.54 -23.63 4.62
N ARG A 276 -0.43 -22.95 4.98
CA ARG A 276 -0.43 -21.72 5.74
C ARG A 276 0.50 -20.78 5.02
N HIS A 277 0.01 -19.59 4.65
CA HIS A 277 0.80 -18.62 3.91
C HIS A 277 0.55 -17.24 4.49
N SER A 278 1.63 -16.47 4.58
CA SER A 278 1.56 -15.05 4.91
C SER A 278 0.92 -14.25 3.78
N ARG A 279 0.30 -13.13 4.13
CA ARG A 279 -0.15 -12.16 3.14
C ARG A 279 1.06 -11.41 2.64
N LYS A 280 1.37 -11.49 1.34
CA LYS A 280 2.61 -11.00 0.76
C LYS A 280 2.39 -9.54 0.35
N ARG A 281 3.40 -8.72 0.62
CA ARG A 281 3.30 -7.32 0.28
C ARG A 281 3.55 -7.18 -1.21
N TRP A 282 2.84 -6.22 -1.84
CA TRP A 282 2.84 -6.03 -3.28
C TRP A 282 4.22 -5.66 -3.83
N GLU A 283 5.12 -5.21 -2.93
CA GLU A 283 6.48 -4.84 -3.32
C GLU A 283 7.27 -6.01 -3.93
N ARG A 284 6.86 -7.23 -3.58
CA ARG A 284 7.54 -8.46 -3.93
C ARG A 284 7.41 -8.76 -5.43
N PHE A 285 6.43 -8.14 -6.10
CA PHE A 285 6.16 -8.35 -7.53
C PHE A 285 6.80 -7.25 -8.38
N VAL A 286 7.36 -6.21 -7.74
CA VAL A 286 7.88 -5.05 -8.47
C VAL A 286 9.33 -5.35 -8.87
N HIS A 287 9.68 -4.98 -10.10
CA HIS A 287 10.98 -5.29 -10.69
C HIS A 287 11.33 -4.15 -11.64
N SER A 288 12.62 -4.05 -12.05
CA SER A 288 13.10 -2.92 -12.84
C SER A 288 12.36 -2.75 -14.18
N GLU A 289 11.87 -3.87 -14.75
CA GLU A 289 11.17 -3.90 -16.03
C GLU A 289 9.64 -3.92 -15.91
N ASN A 290 9.06 -3.49 -14.77
CA ASN A 290 7.64 -3.15 -14.67
C ASN A 290 7.43 -1.95 -13.74
N GLN A 291 8.51 -1.42 -13.16
CA GLN A 291 8.39 -0.43 -12.09
C GLN A 291 7.72 0.84 -12.59
N HIS A 292 7.86 1.14 -13.88
CA HIS A 292 7.26 2.34 -14.46
C HIS A 292 5.72 2.27 -14.48
N LEU A 293 5.16 1.07 -14.26
CA LEU A 293 3.71 0.87 -14.30
C LEU A 293 3.11 0.83 -12.90
N VAL A 294 3.97 0.80 -11.86
CA VAL A 294 3.56 0.51 -10.50
C VAL A 294 3.69 1.80 -9.69
N SER A 295 2.61 2.16 -9.00
CA SER A 295 2.51 3.38 -8.20
C SER A 295 1.94 2.99 -6.85
N PRO A 296 2.15 3.77 -5.77
CA PRO A 296 1.38 3.57 -4.56
C PRO A 296 -0.14 3.50 -4.80
N GLU A 297 -0.61 4.39 -5.68
CA GLU A 297 -2.01 4.45 -6.03
C GLU A 297 -2.46 3.15 -6.67
N ALA A 298 -1.68 2.65 -7.64
CA ALA A 298 -2.01 1.43 -8.35
C ALA A 298 -2.12 0.27 -7.35
N LEU A 299 -1.18 0.19 -6.41
CA LEU A 299 -1.14 -0.92 -5.47
C LEU A 299 -2.30 -0.83 -4.46
N ASP A 300 -2.63 0.39 -4.04
CA ASP A 300 -3.75 0.59 -3.11
C ASP A 300 -5.05 0.14 -3.77
N PHE A 301 -5.23 0.56 -5.03
CA PHE A 301 -6.42 0.22 -5.81
C PHE A 301 -6.51 -1.30 -5.98
N LEU A 302 -5.40 -1.90 -6.43
CA LEU A 302 -5.37 -3.35 -6.67
C LEU A 302 -5.75 -4.11 -5.39
N ASP A 303 -5.17 -3.68 -4.26
CA ASP A 303 -5.38 -4.31 -2.95
C ASP A 303 -6.87 -4.33 -2.62
N LYS A 304 -7.59 -3.28 -3.03
CA LYS A 304 -8.99 -3.08 -2.68
C LYS A 304 -9.95 -3.79 -3.64
N LEU A 305 -9.43 -4.32 -4.76
CA LEU A 305 -10.19 -5.20 -5.65
C LEU A 305 -10.00 -6.66 -5.24
N LEU A 306 -8.73 -7.05 -5.05
CA LEU A 306 -8.39 -8.46 -4.80
C LEU A 306 -8.54 -8.82 -3.32
N ARG A 307 -9.80 -8.99 -2.89
CA ARG A 307 -10.17 -9.50 -1.57
C ARG A 307 -10.95 -10.79 -1.76
N TYR A 308 -10.70 -11.78 -0.89
CA TYR A 308 -11.51 -13.00 -0.84
C TYR A 308 -12.99 -12.67 -0.70
N ASP A 309 -13.31 -11.87 0.33
CA ASP A 309 -14.69 -11.53 0.66
C ASP A 309 -15.21 -10.58 -0.43
N HIS A 310 -16.09 -11.12 -1.28
CA HIS A 310 -16.70 -10.39 -2.37
C HIS A 310 -17.34 -9.09 -1.87
N GLN A 311 -17.90 -9.09 -0.65
CA GLN A 311 -18.58 -7.91 -0.09
C GLN A 311 -17.58 -6.76 0.18
N SER A 312 -16.29 -7.06 0.35
CA SER A 312 -15.35 -6.02 0.74
C SER A 312 -14.64 -5.43 -0.49
N ARG A 313 -14.82 -6.01 -1.68
CA ARG A 313 -14.17 -5.45 -2.87
C ARG A 313 -14.85 -4.12 -3.24
N LEU A 314 -14.09 -3.22 -3.83
CA LEU A 314 -14.68 -2.02 -4.40
C LEU A 314 -15.75 -2.41 -5.42
N THR A 315 -16.82 -1.60 -5.46
CA THR A 315 -17.74 -1.58 -6.58
C THR A 315 -17.05 -0.87 -7.76
N ALA A 316 -17.61 -1.04 -8.95
CA ALA A 316 -17.12 -0.29 -10.11
C ALA A 316 -17.13 1.22 -9.86
N ARG A 317 -18.21 1.73 -9.27
CA ARG A 317 -18.37 3.16 -9.06
C ARG A 317 -17.37 3.66 -8.01
N GLU A 318 -17.13 2.87 -6.95
CA GLU A 318 -16.12 3.20 -5.95
C GLU A 318 -14.73 3.21 -6.58
N ALA A 319 -14.44 2.21 -7.43
CA ALA A 319 -13.14 2.09 -8.08
C ALA A 319 -12.83 3.34 -8.91
N MET A 320 -13.85 3.86 -9.57
CA MET A 320 -13.73 5.04 -10.45
C MET A 320 -13.37 6.28 -9.62
N GLU A 321 -13.66 6.27 -8.32
CA GLU A 321 -13.39 7.42 -7.44
C GLU A 321 -12.02 7.29 -6.78
N HIS A 322 -11.31 6.19 -7.03
CA HIS A 322 -9.99 5.97 -6.42
C HIS A 322 -8.97 6.93 -7.02
N PRO A 323 -8.02 7.43 -6.19
CA PRO A 323 -6.95 8.30 -6.66
C PRO A 323 -6.16 7.84 -7.90
N TYR A 324 -6.07 6.52 -8.16
CA TYR A 324 -5.43 6.02 -9.36
C TYR A 324 -6.01 6.69 -10.63
N PHE A 325 -7.29 7.08 -10.59
CA PHE A 325 -7.95 7.60 -11.78
C PHE A 325 -8.08 9.14 -11.77
N TYR A 326 -7.52 9.85 -10.78
CA TYR A 326 -7.75 11.29 -10.70
C TYR A 326 -7.32 12.00 -11.99
N THR A 327 -6.15 11.64 -12.55
CA THR A 327 -5.62 12.28 -13.75
C THR A 327 -6.57 12.00 -14.94
N VAL A 328 -6.99 10.74 -15.08
CA VAL A 328 -7.88 10.35 -16.19
C VAL A 328 -9.17 11.19 -16.11
N VAL A 329 -9.76 11.29 -14.90
CA VAL A 329 -11.04 11.95 -14.72
C VAL A 329 -10.90 13.42 -15.14
N LYS A 330 -9.78 14.03 -14.72
CA LYS A 330 -9.47 15.42 -15.06
C LYS A 330 -9.50 15.61 -16.58
N ASP A 331 -8.59 14.93 -17.30
CA ASP A 331 -8.52 15.02 -18.75
C ASP A 331 -9.56 14.08 -19.36
N GLY B 4 24.43 -18.46 18.33
CA GLY B 4 24.45 -17.01 18.63
C GLY B 4 23.95 -16.16 17.44
N PRO B 5 23.73 -14.84 17.62
CA PRO B 5 23.05 -14.01 16.62
C PRO B 5 23.89 -13.76 15.37
N VAL B 6 23.22 -13.67 14.23
CA VAL B 6 23.84 -13.36 12.95
C VAL B 6 24.25 -11.90 12.96
N PRO B 7 25.47 -11.54 12.50
CA PRO B 7 25.90 -10.15 12.45
C PRO B 7 25.17 -9.36 11.37
N SER B 8 25.25 -8.03 11.48
CA SER B 8 24.64 -7.12 10.51
C SER B 8 25.58 -5.94 10.28
N ARG B 9 25.51 -5.40 9.06
CA ARG B 9 26.19 -4.17 8.67
C ARG B 9 25.22 -3.22 7.98
N ALA B 10 25.41 -1.92 8.22
CA ALA B 10 24.61 -0.89 7.58
C ALA B 10 24.66 -1.08 6.07
N ARG B 11 23.50 -0.92 5.41
CA ARG B 11 23.40 -0.89 3.95
C ARG B 11 24.01 0.38 3.39
N VAL B 12 24.04 1.46 4.15
CA VAL B 12 24.64 2.69 3.66
C VAL B 12 25.53 3.27 4.76
N TYR B 13 26.46 4.12 4.32
CA TYR B 13 27.32 4.89 5.21
C TYR B 13 28.05 3.96 6.16
N THR B 14 28.41 2.75 5.68
CA THR B 14 28.87 1.69 6.56
C THR B 14 30.22 2.05 7.20
N ASP B 15 31.09 2.63 6.36
CA ASP B 15 32.51 2.74 6.67
C ASP B 15 32.93 4.21 6.77
N VAL B 16 31.94 5.12 6.90
CA VAL B 16 32.32 6.54 6.84
C VAL B 16 33.24 6.93 8.00
N ASN B 17 33.07 6.31 9.18
CA ASN B 17 33.90 6.64 10.33
C ASN B 17 35.28 5.97 10.23
N THR B 18 35.32 4.79 9.58
CA THR B 18 36.58 4.07 9.50
C THR B 18 37.55 4.94 8.69
N HIS B 19 37.01 5.68 7.71
CA HIS B 19 37.81 6.49 6.79
C HIS B 19 38.16 7.86 7.36
N ARG B 20 37.58 8.26 8.49
CA ARG B 20 37.88 9.53 9.15
C ARG B 20 39.10 9.32 10.04
N PRO B 21 39.84 10.42 10.29
CA PRO B 21 40.82 10.43 11.37
C PRO B 21 40.23 9.94 12.67
N ARG B 22 41.02 9.22 13.47
CA ARG B 22 40.53 8.64 14.74
C ARG B 22 39.85 9.72 15.57
N GLU B 23 40.48 10.88 15.67
CA GLU B 23 39.98 11.91 16.56
C GLU B 23 38.50 12.20 16.28
N TYR B 24 38.02 11.99 15.04
CA TYR B 24 36.62 12.31 14.70
C TYR B 24 35.66 11.52 15.59
N TRP B 25 35.96 10.23 15.79
CA TRP B 25 35.02 9.32 16.44
C TRP B 25 35.51 8.86 17.81
N ASP B 26 36.79 9.14 18.14
CA ASP B 26 37.33 8.62 19.38
C ASP B 26 37.09 9.66 20.47
N TYR B 27 35.81 9.87 20.83
CA TYR B 27 35.39 11.04 21.56
C TYR B 27 35.90 11.05 22.98
N GLU B 28 36.24 9.87 23.53
CA GLU B 28 36.78 9.79 24.89
C GLU B 28 38.06 10.63 25.00
N SER B 29 38.81 10.77 23.89
CA SER B 29 40.07 11.52 23.89
C SER B 29 39.87 13.00 23.63
N HIS B 30 38.65 13.43 23.30
CA HIS B 30 38.38 14.84 23.04
C HIS B 30 38.54 15.64 24.34
N VAL B 31 39.19 16.80 24.20
CA VAL B 31 39.41 17.76 25.28
C VAL B 31 38.42 18.91 25.16
N VAL B 32 37.59 19.05 26.20
CA VAL B 32 36.55 20.07 26.22
C VAL B 32 37.16 21.28 26.92
N GLU B 33 37.18 22.46 26.28
CA GLU B 33 37.45 23.71 27.01
C GLU B 33 36.13 24.29 27.54
N TRP B 34 35.92 24.21 28.86
CA TRP B 34 34.72 24.69 29.54
C TRP B 34 34.76 26.18 29.86
N GLY B 35 33.65 26.85 29.59
CA GLY B 35 33.51 28.26 29.89
C GLY B 35 32.84 28.48 31.25
N ASN B 36 32.57 29.77 31.48
CA ASN B 36 32.01 30.27 32.72
C ASN B 36 30.53 30.58 32.48
N GLN B 37 29.69 29.85 33.24
CA GLN B 37 28.23 30.06 33.19
C GLN B 37 27.85 31.52 33.50
N ASP B 38 28.65 32.22 34.30
CA ASP B 38 28.35 33.60 34.66
C ASP B 38 28.43 34.55 33.48
N ASP B 39 28.86 34.07 32.30
CA ASP B 39 28.59 34.80 31.07
C ASP B 39 27.09 34.82 30.68
N TYR B 40 26.33 33.90 31.28
CA TYR B 40 24.89 33.76 31.08
C TYR B 40 24.13 34.02 32.38
N GLN B 41 22.98 34.66 32.19
CA GLN B 41 21.97 34.81 33.24
C GLN B 41 20.71 34.08 32.78
N LEU B 42 20.21 33.17 33.64
CA LEU B 42 19.01 32.40 33.37
C LEU B 42 17.78 33.32 33.44
N VAL B 43 16.88 33.15 32.43
CA VAL B 43 15.64 33.92 32.30
C VAL B 43 14.42 33.10 32.75
N ARG B 44 14.22 31.92 32.20
CA ARG B 44 13.09 31.09 32.58
C ARG B 44 13.37 29.65 32.20
N LYS B 45 12.65 28.76 32.86
CA LYS B 45 12.72 27.35 32.56
C LYS B 45 11.91 27.07 31.29
N LEU B 46 12.49 26.28 30.37
CA LEU B 46 11.87 25.96 29.08
C LEU B 46 11.33 24.54 29.08
N GLY B 47 11.93 23.63 29.84
CA GLY B 47 11.55 22.24 29.77
C GLY B 47 12.35 21.45 30.79
N ARG B 48 11.70 20.37 31.29
CA ARG B 48 12.30 19.36 32.13
C ARG B 48 12.28 18.13 31.21
N GLY B 49 13.47 17.67 30.78
CA GLY B 49 13.67 16.41 30.07
C GLY B 49 14.55 15.46 30.88
N LYS B 50 14.63 14.18 30.49
CA LYS B 50 15.59 13.27 31.10
C LYS B 50 16.99 13.73 30.70
N TYR B 51 17.96 13.53 31.60
CA TYR B 51 19.37 13.78 31.32
C TYR B 51 19.71 15.27 31.41
N SER B 52 18.70 16.16 31.50
CA SER B 52 18.94 17.60 31.58
C SER B 52 17.66 18.42 31.82
N GLU B 53 17.89 19.68 32.25
CA GLU B 53 16.88 20.71 32.44
C GLU B 53 17.28 21.93 31.63
N VAL B 54 16.32 22.55 30.93
CA VAL B 54 16.60 23.50 29.86
C VAL B 54 16.02 24.86 30.25
N PHE B 55 16.81 25.91 30.06
CA PHE B 55 16.48 27.29 30.37
C PHE B 55 16.66 28.21 29.16
N GLU B 56 15.85 29.25 29.09
CA GLU B 56 16.18 30.40 28.28
C GLU B 56 17.14 31.26 29.09
N ALA B 57 18.17 31.80 28.44
CA ALA B 57 19.12 32.63 29.15
C ALA B 57 19.53 33.75 28.22
N ILE B 58 20.32 34.66 28.77
CA ILE B 58 20.91 35.77 28.04
C ILE B 58 22.42 35.76 28.27
N ASN B 59 23.18 35.90 27.18
CA ASN B 59 24.62 36.12 27.26
C ASN B 59 24.84 37.58 27.61
N ILE B 60 25.30 37.87 28.84
CA ILE B 60 25.30 39.24 29.34
C ILE B 60 26.42 40.07 28.71
N THR B 61 27.37 39.42 28.02
CA THR B 61 28.47 40.12 27.35
C THR B 61 27.94 40.89 26.13
N ASN B 62 26.95 40.30 25.45
CA ASN B 62 26.45 40.84 24.18
C ASN B 62 24.93 40.77 24.07
N ASN B 63 24.22 40.45 25.18
CA ASN B 63 22.76 40.47 25.32
C ASN B 63 22.05 39.55 24.31
N GLU B 64 22.72 38.48 23.84
CA GLU B 64 22.03 37.55 22.94
C GLU B 64 21.26 36.50 23.73
N LYS B 65 20.03 36.20 23.28
CA LYS B 65 19.22 35.10 23.82
C LYS B 65 19.84 33.76 23.40
N VAL B 66 19.92 32.81 24.34
CA VAL B 66 20.43 31.48 24.10
C VAL B 66 19.62 30.53 24.93
N VAL B 67 19.85 29.23 24.71
CA VAL B 67 19.26 28.15 25.51
C VAL B 67 20.38 27.42 26.25
N VAL B 68 20.21 27.20 27.56
CA VAL B 68 21.19 26.48 28.38
C VAL B 68 20.57 25.17 28.84
N LYS B 69 21.23 24.06 28.53
CA LYS B 69 20.82 22.73 28.92
C LYS B 69 21.80 22.28 30.00
N ILE B 70 21.34 22.26 31.25
CA ILE B 70 22.15 21.85 32.40
C ILE B 70 22.07 20.33 32.47
N LEU B 71 23.23 19.65 32.35
CA LEU B 71 23.22 18.20 32.20
C LEU B 71 23.13 17.55 33.58
N LYS B 72 22.22 16.58 33.70
CA LYS B 72 22.11 15.78 34.91
C LYS B 72 23.34 14.88 35.04
N PRO B 73 23.67 14.34 36.25
CA PRO B 73 24.79 13.45 36.43
C PRO B 73 24.85 12.29 35.44
N VAL B 74 25.94 12.26 34.65
CA VAL B 74 26.24 11.23 33.66
C VAL B 74 27.76 11.17 33.53
N LYS B 75 28.27 9.96 33.18
CA LYS B 75 29.71 9.73 33.01
C LYS B 75 30.35 10.75 32.04
N LYS B 76 31.58 11.23 32.32
CA LYS B 76 32.21 12.27 31.52
C LYS B 76 32.35 11.80 30.08
N LYS B 77 32.50 10.50 29.82
CA LYS B 77 32.61 10.00 28.45
C LYS B 77 31.36 10.33 27.62
N LYS B 78 30.19 10.20 28.24
CA LYS B 78 28.91 10.49 27.57
C LYS B 78 28.73 11.98 27.31
N ILE B 79 29.20 12.87 28.17
CA ILE B 79 29.17 14.31 27.92
C ILE B 79 30.13 14.62 26.76
N LYS B 80 31.34 14.03 26.77
CA LYS B 80 32.30 14.25 25.69
C LYS B 80 31.71 13.78 24.35
N ARG B 81 31.01 12.63 24.38
CA ARG B 81 30.40 12.08 23.18
C ARG B 81 29.40 13.06 22.59
N GLU B 82 28.50 13.60 23.41
CA GLU B 82 27.47 14.52 22.92
C GLU B 82 28.14 15.78 22.38
N ILE B 83 29.14 16.32 23.09
CA ILE B 83 29.83 17.53 22.61
C ILE B 83 30.51 17.25 21.25
N LYS B 84 31.23 16.14 21.16
CA LYS B 84 31.96 15.82 19.94
C LYS B 84 30.99 15.69 18.75
N ILE B 85 29.88 15.00 18.98
CA ILE B 85 28.88 14.81 17.93
C ILE B 85 28.29 16.16 17.52
N LEU B 86 27.94 17.01 18.48
CA LEU B 86 27.39 18.33 18.17
C LEU B 86 28.39 19.15 17.37
N GLU B 87 29.68 19.06 17.71
CA GLU B 87 30.71 19.81 17.00
C GLU B 87 30.89 19.24 15.59
N ASN B 88 30.88 17.90 15.46
CA ASN B 88 31.05 17.27 14.15
C ASN B 88 29.90 17.65 13.22
N LEU B 89 28.69 17.80 13.76
CA LEU B 89 27.47 18.02 12.97
C LEU B 89 27.15 19.51 12.77
N ARG B 90 27.88 20.39 13.48
CA ARG B 90 27.59 21.82 13.50
C ARG B 90 27.55 22.37 12.08
N GLY B 91 26.52 23.15 11.77
CA GLY B 91 26.33 23.70 10.45
C GLY B 91 25.49 22.81 9.53
N GLY B 92 25.23 21.56 9.93
CA GLY B 92 24.50 20.66 9.05
C GLY B 92 23.03 20.99 9.01
N PRO B 93 22.33 20.54 7.96
CA PRO B 93 20.90 20.78 7.80
C PRO B 93 20.04 20.36 9.00
N ASN B 94 19.37 21.37 9.57
CA ASN B 94 18.41 21.18 10.63
C ASN B 94 19.04 20.63 11.91
N ILE B 95 20.37 20.74 12.08
CA ILE B 95 20.98 20.31 13.33
C ILE B 95 21.02 21.51 14.27
N ILE B 96 20.63 21.32 15.53
CA ILE B 96 20.82 22.35 16.57
C ILE B 96 22.28 22.82 16.59
N THR B 97 22.48 24.13 16.73
CA THR B 97 23.81 24.72 16.79
C THR B 97 24.29 24.90 18.23
N LEU B 98 25.39 24.23 18.53
CA LEU B 98 26.04 24.36 19.82
C LEU B 98 26.86 25.65 19.83
N ALA B 99 26.48 26.58 20.70
CA ALA B 99 27.17 27.86 20.85
C ALA B 99 28.30 27.82 21.88
N ASP B 100 28.24 26.99 22.92
CA ASP B 100 29.17 27.14 24.04
C ASP B 100 29.01 25.95 24.96
N ILE B 101 29.99 25.76 25.84
CA ILE B 101 30.02 24.65 26.77
C ILE B 101 30.52 25.21 28.09
N VAL B 102 29.75 25.18 29.17
CA VAL B 102 30.08 25.98 30.36
C VAL B 102 29.93 25.14 31.62
N LYS B 103 30.50 25.64 32.69
CA LYS B 103 30.42 25.01 33.99
C LYS B 103 30.05 26.11 34.98
N ASP B 104 29.10 25.78 35.86
CA ASP B 104 28.72 26.65 36.97
C ASP B 104 29.89 26.69 37.96
N PRO B 105 30.46 27.87 38.32
CA PRO B 105 31.61 27.92 39.24
C PRO B 105 31.44 27.36 40.65
N VAL B 106 30.22 27.35 41.18
CA VAL B 106 30.04 26.92 42.56
C VAL B 106 29.73 25.42 42.58
N SER B 107 28.91 24.94 41.64
CA SER B 107 28.51 23.53 41.61
C SER B 107 29.45 22.70 40.75
N ARG B 108 30.04 23.34 39.74
CA ARG B 108 30.82 22.70 38.70
C ARG B 108 29.99 21.69 37.88
N THR B 109 28.65 21.87 37.83
CA THR B 109 27.76 21.18 36.89
C THR B 109 27.94 21.70 35.45
N PRO B 110 28.11 20.79 34.44
CA PRO B 110 28.25 21.16 33.04
C PRO B 110 26.95 21.48 32.30
N ALA B 111 27.03 22.42 31.37
CA ALA B 111 25.87 22.91 30.64
C ALA B 111 26.25 23.10 29.18
N LEU B 112 25.34 22.73 28.29
CA LEU B 112 25.47 23.04 26.86
C LEU B 112 24.70 24.33 26.55
N VAL B 113 25.30 25.26 25.84
CA VAL B 113 24.60 26.53 25.52
C VAL B 113 24.28 26.49 24.03
N PHE B 114 23.00 26.53 23.68
CA PHE B 114 22.65 26.39 22.25
C PHE B 114 22.12 27.72 21.72
N GLU B 115 21.77 27.74 20.44
CA GLU B 115 21.23 28.97 19.82
C GLU B 115 19.76 29.08 20.19
N HIS B 116 19.14 30.22 19.91
CA HIS B 116 17.74 30.41 20.30
C HIS B 116 16.83 30.09 19.12
N VAL B 117 15.66 29.54 19.43
CA VAL B 117 14.69 29.14 18.37
C VAL B 117 13.33 29.13 19.09
N ASN B 118 12.21 29.16 18.36
CA ASN B 118 10.89 29.06 19.04
C ASN B 118 10.40 27.62 19.02
N ASN B 119 9.92 27.13 20.17
CA ASN B 119 9.35 25.76 20.24
C ASN B 119 7.85 25.84 19.92
N THR B 120 7.49 26.09 18.65
CA THR B 120 6.06 26.23 18.28
C THR B 120 5.56 24.80 18.49
N ASP B 121 4.86 24.56 19.60
CA ASP B 121 4.12 23.29 19.81
C ASP B 121 2.65 23.60 20.06
N PHE B 122 1.76 23.20 19.13
CA PHE B 122 0.30 23.40 19.29
C PHE B 122 -0.39 22.16 18.74
N LYS B 123 -0.61 22.11 17.43
CA LYS B 123 -1.19 20.90 16.78
C LYS B 123 -1.15 21.08 15.26
N THR B 128 -5.21 21.99 12.61
CA THR B 128 -4.08 22.93 12.47
C THR B 128 -3.03 22.40 11.49
N LEU B 129 -2.55 21.17 11.71
CA LEU B 129 -1.49 20.59 10.87
C LEU B 129 -2.11 19.91 9.67
N THR B 130 -1.72 20.38 8.47
CA THR B 130 -2.25 19.89 7.21
C THR B 130 -1.45 18.66 6.78
N ASP B 131 -2.02 17.91 5.83
CA ASP B 131 -1.33 16.82 5.15
C ASP B 131 0.00 17.34 4.57
N TYR B 132 -0.04 18.48 3.89
CA TYR B 132 1.18 19.05 3.30
C TYR B 132 2.19 19.38 4.39
N ASP B 133 1.74 19.97 5.49
CA ASP B 133 2.65 20.35 6.56
C ASP B 133 3.40 19.12 7.08
N ILE B 134 2.69 18.01 7.29
CA ILE B 134 3.31 16.79 7.80
C ILE B 134 4.37 16.30 6.82
N ARG B 135 4.05 16.25 5.53
CA ARG B 135 5.02 15.85 4.53
C ARG B 135 6.24 16.78 4.57
N PHE B 136 6.01 18.10 4.65
CA PHE B 136 7.08 19.08 4.64
C PHE B 136 8.01 18.88 5.83
N TYR B 137 7.46 18.82 7.04
CA TYR B 137 8.28 18.70 8.24
C TYR B 137 8.96 17.32 8.28
N MET B 138 8.29 16.25 7.85
CA MET B 138 8.92 14.94 7.76
C MET B 138 10.15 15.02 6.83
N TYR B 139 10.04 15.71 5.69
CA TYR B 139 11.15 15.86 4.76
C TYR B 139 12.31 16.59 5.46
N GLU B 140 11.99 17.63 6.23
CA GLU B 140 12.99 18.43 6.95
C GLU B 140 13.72 17.52 7.97
N ILE B 141 12.99 16.65 8.68
CA ILE B 141 13.60 15.71 9.62
C ILE B 141 14.55 14.77 8.84
N LEU B 142 14.07 14.28 7.69
CA LEU B 142 14.87 13.37 6.88
C LEU B 142 16.17 14.04 6.44
N LYS B 143 16.16 15.34 6.13
CA LYS B 143 17.41 16.01 5.77
C LYS B 143 18.43 15.95 6.93
N ALA B 144 17.96 16.15 8.18
CA ALA B 144 18.83 16.08 9.34
C ALA B 144 19.36 14.65 9.55
N LEU B 145 18.50 13.65 9.39
CA LEU B 145 18.88 12.24 9.57
C LEU B 145 19.84 11.78 8.47
N ASP B 146 19.55 12.09 7.20
CA ASP B 146 20.50 11.73 6.15
C ASP B 146 21.85 12.37 6.45
N TYR B 147 21.83 13.63 6.89
CA TYR B 147 23.09 14.30 7.18
C TYR B 147 23.85 13.58 8.29
N CYS B 148 23.20 13.38 9.44
CA CYS B 148 23.91 12.79 10.56
C CYS B 148 24.36 11.37 10.23
N HIS B 149 23.51 10.58 9.56
CA HIS B 149 23.90 9.23 9.15
C HIS B 149 25.11 9.29 8.22
N SER B 150 25.11 10.23 7.27
CA SER B 150 26.20 10.37 6.31
C SER B 150 27.51 10.73 7.04
N MET B 151 27.38 11.36 8.21
CA MET B 151 28.48 11.78 9.05
C MET B 151 28.80 10.70 10.09
N GLY B 152 28.22 9.51 9.94
CA GLY B 152 28.58 8.36 10.76
C GLY B 152 27.92 8.35 12.13
N ILE B 153 26.79 9.04 12.31
CA ILE B 153 26.18 9.19 13.62
C ILE B 153 24.71 8.73 13.63
N MET B 154 24.36 7.89 14.63
CA MET B 154 22.99 7.53 14.94
C MET B 154 22.42 8.46 16.01
N HIS B 155 21.21 8.99 15.78
CA HIS B 155 20.58 9.85 16.78
C HIS B 155 20.14 8.98 17.97
N ARG B 156 19.37 7.92 17.68
CA ARG B 156 18.97 6.88 18.64
C ARG B 156 17.90 7.36 19.63
N ASP B 157 17.32 8.54 19.38
CA ASP B 157 16.28 9.08 20.25
C ASP B 157 15.41 10.02 19.43
N VAL B 158 15.08 9.62 18.19
CA VAL B 158 14.15 10.38 17.36
C VAL B 158 12.75 10.21 17.94
N LYS B 159 12.08 11.34 18.19
CA LYS B 159 10.82 11.39 18.90
C LYS B 159 10.43 12.86 19.04
N PRO B 160 9.12 13.15 19.26
CA PRO B 160 8.63 14.53 19.23
C PRO B 160 9.35 15.49 20.15
N HIS B 161 9.75 15.04 21.36
CA HIS B 161 10.43 15.93 22.29
C HIS B 161 11.77 16.43 21.74
N ASN B 162 12.36 15.67 20.81
CA ASN B 162 13.68 15.98 20.27
C ASN B 162 13.57 16.67 18.90
N VAL B 163 12.37 17.16 18.55
CA VAL B 163 12.14 17.84 17.28
C VAL B 163 11.56 19.20 17.62
N MET B 164 12.10 20.22 17.05
CA MET B 164 11.65 21.57 17.35
C MET B 164 11.21 22.22 16.06
N ILE B 165 10.07 22.94 16.06
CA ILE B 165 9.59 23.65 14.89
C ILE B 165 9.31 25.11 15.26
N ASP B 166 9.74 25.98 14.35
CA ASP B 166 9.39 27.42 14.42
C ASP B 166 8.49 27.65 13.21
N HIS B 167 7.24 27.22 13.28
CA HIS B 167 6.29 27.31 12.13
C HIS B 167 6.34 28.66 11.43
N GLU B 168 6.38 29.73 12.22
CA GLU B 168 6.44 31.10 11.65
C GLU B 168 7.36 31.09 10.43
N HIS B 169 8.60 30.61 10.60
CA HIS B 169 9.58 30.63 9.48
C HIS B 169 9.74 29.22 8.93
N ARG B 170 8.87 28.31 9.33
CA ARG B 170 8.92 26.93 8.82
C ARG B 170 10.37 26.43 8.95
N LYS B 171 10.88 26.45 10.18
CA LYS B 171 12.26 25.99 10.44
C LYS B 171 12.19 24.77 11.34
N LEU B 172 12.99 23.74 11.05
CA LEU B 172 12.99 22.50 11.85
C LEU B 172 14.38 22.26 12.40
N ARG B 173 14.50 21.77 13.63
CA ARG B 173 15.74 21.45 14.30
C ARG B 173 15.62 20.13 15.07
N LEU B 174 16.56 19.21 14.82
CA LEU B 174 16.73 18.01 15.61
C LEU B 174 17.68 18.34 16.77
N ILE B 175 17.21 18.08 18.00
CA ILE B 175 17.90 18.41 19.24
C ILE B 175 18.20 17.15 20.05
N ASP B 176 18.88 17.36 21.18
CA ASP B 176 19.14 16.38 22.23
C ASP B 176 19.86 15.14 21.68
N TRP B 177 21.15 15.39 21.41
CA TRP B 177 22.04 14.37 20.87
C TRP B 177 22.74 13.59 21.98
N GLY B 178 22.18 13.63 23.20
CA GLY B 178 22.73 12.97 24.36
C GLY B 178 22.75 11.44 24.28
N LEU B 179 21.93 10.84 23.40
CA LEU B 179 21.90 9.40 23.24
C LEU B 179 22.60 8.97 21.95
N ALA B 180 23.02 9.92 21.11
CA ALA B 180 23.60 9.61 19.81
C ALA B 180 24.95 8.92 19.95
N GLU B 181 25.29 8.12 18.93
CA GLU B 181 26.52 7.34 18.94
C GLU B 181 27.03 7.21 17.51
N PHE B 182 28.34 6.98 17.38
CA PHE B 182 29.01 6.73 16.12
C PHE B 182 28.74 5.28 15.68
N TYR B 183 28.44 5.09 14.38
CA TYR B 183 28.29 3.75 13.79
C TYR B 183 29.64 3.18 13.36
N HIS B 184 29.93 1.98 13.87
CA HIS B 184 31.13 1.25 13.52
C HIS B 184 30.70 -0.14 13.11
N PRO B 185 31.06 -0.63 11.91
CA PRO B 185 30.66 -1.96 11.48
C PRO B 185 31.12 -3.04 12.45
N GLY B 186 30.19 -3.90 12.87
CA GLY B 186 30.51 -4.96 13.79
C GLY B 186 30.18 -4.64 15.25
N GLN B 187 29.94 -3.37 15.58
CA GLN B 187 29.82 -2.99 16.97
C GLN B 187 28.46 -3.43 17.49
N GLU B 188 28.50 -3.97 18.72
CA GLU B 188 27.33 -4.31 19.54
C GLU B 188 27.02 -3.15 20.48
N TYR B 189 25.83 -2.56 20.27
CA TYR B 189 25.40 -1.38 21.00
C TYR B 189 24.47 -1.77 22.14
N ASN B 190 24.28 -0.81 23.06
CA ASN B 190 23.29 -0.91 24.12
C ASN B 190 21.90 -0.81 23.50
N VAL B 191 21.03 -1.77 23.83
CA VAL B 191 19.64 -1.71 23.36
C VAL B 191 18.78 -0.82 24.26
N ARG B 192 19.32 -0.40 25.42
CA ARG B 192 18.57 0.42 26.37
C ARG B 192 18.70 1.88 25.97
N VAL B 193 18.19 2.22 24.79
CA VAL B 193 18.18 3.59 24.30
C VAL B 193 16.77 3.87 23.79
N ALA B 194 16.46 5.16 23.68
CA ALA B 194 15.25 5.67 23.05
C ALA B 194 14.08 5.58 24.02
N SER B 195 13.05 6.38 23.75
CA SER B 195 11.84 6.31 24.53
C SER B 195 11.05 5.07 24.09
N ARG B 196 10.38 4.44 25.06
CA ARG B 196 9.67 3.17 24.86
C ARG B 196 8.88 3.15 23.57
N TYR B 197 8.08 4.18 23.30
CA TYR B 197 7.13 4.14 22.20
C TYR B 197 7.84 4.15 20.84
N PHE B 198 9.12 4.54 20.83
CA PHE B 198 9.88 4.74 19.60
C PHE B 198 10.99 3.70 19.45
N LYS B 199 11.08 2.76 20.39
CA LYS B 199 12.09 1.72 20.34
C LYS B 199 11.80 0.77 19.17
N GLY B 200 12.84 0.50 18.37
CA GLY B 200 12.75 -0.48 17.30
C GLY B 200 12.61 -1.91 17.84
N PRO B 201 12.04 -2.81 17.04
CA PRO B 201 12.02 -4.24 17.37
C PRO B 201 13.41 -4.79 17.75
N GLU B 202 14.46 -4.28 17.10
CA GLU B 202 15.82 -4.73 17.40
C GLU B 202 16.12 -4.51 18.87
N LEU B 203 15.70 -3.37 19.43
CA LEU B 203 15.97 -3.09 20.82
C LEU B 203 15.18 -4.06 21.70
N LEU B 204 13.91 -4.29 21.33
CA LEU B 204 12.98 -5.04 22.16
C LEU B 204 13.37 -6.52 22.22
N VAL B 205 14.00 -7.04 21.16
CA VAL B 205 14.45 -8.44 21.12
C VAL B 205 15.91 -8.56 21.54
N ASP B 206 16.58 -7.44 21.89
CA ASP B 206 17.96 -7.44 22.37
C ASP B 206 18.93 -7.83 21.25
N TYR B 207 18.75 -7.27 20.06
CA TYR B 207 19.64 -7.47 18.93
C TYR B 207 20.55 -6.25 18.86
N GLN B 208 21.83 -6.47 19.18
CA GLN B 208 22.72 -5.36 19.51
C GLN B 208 23.42 -4.75 18.30
N MET B 209 23.51 -5.49 17.17
CA MET B 209 24.33 -5.04 16.04
C MET B 209 23.48 -4.20 15.09
N TYR B 210 22.82 -3.18 15.67
CA TYR B 210 21.89 -2.33 14.94
C TYR B 210 22.61 -1.12 14.36
N ASP B 211 21.89 -0.26 13.62
CA ASP B 211 22.55 0.80 12.86
C ASP B 211 21.62 2.01 12.73
N TYR B 212 21.94 2.90 11.77
CA TYR B 212 21.20 4.11 11.45
C TYR B 212 19.70 3.84 11.28
N SER B 213 19.39 2.64 10.78
CA SER B 213 18.04 2.18 10.46
C SER B 213 17.09 2.30 11.67
N LEU B 214 17.65 2.24 12.89
CA LEU B 214 16.87 2.44 14.11
C LEU B 214 16.09 3.74 14.02
N ASP B 215 16.76 4.80 13.56
CA ASP B 215 16.17 6.14 13.51
C ASP B 215 14.95 6.14 12.58
N MET B 216 15.00 5.30 11.53
CA MET B 216 13.95 5.25 10.53
C MET B 216 12.68 4.58 11.09
N TRP B 217 12.86 3.59 11.97
CA TRP B 217 11.74 3.01 12.70
C TRP B 217 11.08 4.10 13.54
N SER B 218 11.88 4.81 14.35
CA SER B 218 11.36 5.86 15.22
C SER B 218 10.57 6.87 14.41
N LEU B 219 11.12 7.26 13.26
CA LEU B 219 10.47 8.23 12.39
C LEU B 219 9.12 7.67 11.94
N GLY B 220 9.08 6.39 11.53
CA GLY B 220 7.83 5.75 11.13
C GLY B 220 6.80 5.80 12.25
N CYS B 221 7.24 5.60 13.50
CA CYS B 221 6.35 5.68 14.65
C CYS B 221 5.71 7.07 14.74
N MET B 222 6.56 8.10 14.54
CA MET B 222 6.08 9.47 14.56
C MET B 222 5.04 9.69 13.46
N LEU B 223 5.39 9.26 12.23
CA LEU B 223 4.50 9.45 11.09
C LEU B 223 3.15 8.81 11.36
N ALA B 224 3.15 7.56 11.85
CA ALA B 224 1.91 6.84 12.15
C ALA B 224 1.06 7.66 13.12
N SER B 225 1.71 8.15 14.19
CA SER B 225 0.96 8.88 15.22
C SER B 225 0.32 10.13 14.62
N MET B 226 1.03 10.78 13.67
CA MET B 226 0.60 12.04 13.08
C MET B 226 -0.56 11.78 12.10
N ILE B 227 -0.40 10.89 11.11
CA ILE B 227 -1.42 10.72 10.08
C ILE B 227 -2.65 10.00 10.61
N PHE B 228 -2.50 9.19 11.68
CA PHE B 228 -3.65 8.44 12.18
C PHE B 228 -4.28 9.15 13.39
N ARG B 229 -3.64 10.21 13.91
CA ARG B 229 -4.07 10.88 15.13
C ARG B 229 -4.24 9.85 16.24
N LYS B 230 -3.13 9.12 16.46
CA LYS B 230 -3.08 8.03 17.42
C LYS B 230 -1.72 8.11 18.10
N GLU B 231 -1.69 8.75 19.27
CA GLU B 231 -0.46 8.99 19.98
C GLU B 231 -0.56 8.33 21.35
N PRO B 232 0.29 7.32 21.70
CA PRO B 232 1.30 6.76 20.80
C PRO B 232 0.65 5.76 19.85
N PHE B 233 1.33 5.41 18.74
CA PHE B 233 0.72 4.45 17.83
C PHE B 233 0.83 3.02 18.37
N PHE B 234 2.05 2.61 18.75
CA PHE B 234 2.30 1.37 19.44
C PHE B 234 2.36 1.65 20.95
N HIS B 235 1.25 1.40 21.66
CA HIS B 235 1.06 1.85 23.04
C HIS B 235 1.32 0.66 23.98
N GLY B 236 2.57 0.52 24.41
CA GLY B 236 2.96 -0.63 25.23
C GLY B 236 2.90 -0.32 26.72
N HIS B 237 2.62 -1.34 27.55
CA HIS B 237 2.60 -1.16 28.99
C HIS B 237 4.00 -1.28 29.58
N ASP B 238 4.89 -1.98 28.87
CA ASP B 238 6.30 -2.12 29.26
C ASP B 238 7.02 -2.55 27.99
N ASN B 239 8.29 -2.95 28.09
CA ASN B 239 9.09 -3.23 26.90
C ASN B 239 8.60 -4.50 26.19
N TYR B 240 8.08 -5.44 26.99
CA TYR B 240 7.61 -6.70 26.44
C TYR B 240 6.31 -6.49 25.67
N ASP B 241 5.36 -5.85 26.37
CA ASP B 241 4.07 -5.50 25.78
C ASP B 241 4.26 -4.55 24.61
N GLN B 242 5.34 -3.75 24.59
CA GLN B 242 5.58 -2.89 23.43
C GLN B 242 5.70 -3.69 22.13
N LEU B 243 6.46 -4.79 22.15
CA LEU B 243 6.58 -5.60 20.95
C LEU B 243 5.25 -6.32 20.65
N VAL B 244 4.48 -6.65 21.68
CA VAL B 244 3.16 -7.26 21.49
C VAL B 244 2.30 -6.27 20.69
N ARG B 245 2.34 -4.98 21.06
CA ARG B 245 1.52 -3.99 20.38
C ARG B 245 1.95 -3.89 18.91
N ILE B 246 3.26 -3.93 18.66
CA ILE B 246 3.78 -3.91 17.30
C ILE B 246 3.29 -5.15 16.55
N ALA B 247 3.39 -6.33 17.18
CA ALA B 247 3.05 -7.59 16.57
C ALA B 247 1.58 -7.68 16.19
N LYS B 248 0.71 -6.99 16.96
CA LYS B 248 -0.72 -6.99 16.66
C LYS B 248 -1.02 -6.21 15.37
N VAL B 249 -0.05 -5.40 14.91
CA VAL B 249 -0.21 -4.62 13.68
C VAL B 249 0.59 -5.25 12.54
N LEU B 250 1.90 -5.41 12.73
CA LEU B 250 2.78 -5.92 11.68
C LEU B 250 2.63 -7.44 11.51
N GLY B 251 2.02 -8.11 12.51
CA GLY B 251 1.80 -9.54 12.47
C GLY B 251 2.96 -10.32 13.05
N THR B 252 2.68 -11.53 13.54
CA THR B 252 3.71 -12.36 14.14
C THR B 252 4.47 -13.18 13.10
N GLU B 253 3.92 -13.44 11.90
CA GLU B 253 4.63 -14.26 10.91
C GLU B 253 5.99 -13.62 10.56
N ASP B 254 5.95 -12.30 10.27
CA ASP B 254 7.13 -11.54 9.85
C ASP B 254 8.09 -11.40 11.03
N LEU B 255 7.55 -11.31 12.24
CA LEU B 255 8.37 -11.16 13.44
C LEU B 255 9.22 -12.41 13.63
N TYR B 256 8.59 -13.58 13.58
CA TYR B 256 9.28 -14.85 13.75
C TYR B 256 10.23 -15.08 12.57
N ASP B 257 9.89 -14.59 11.35
CA ASP B 257 10.83 -14.69 10.23
C ASP B 257 12.13 -13.91 10.53
N TYR B 258 12.00 -12.71 11.11
CA TYR B 258 13.10 -11.81 11.46
C TYR B 258 13.92 -12.50 12.54
N ILE B 259 13.26 -13.03 13.56
CA ILE B 259 13.94 -13.69 14.67
C ILE B 259 14.75 -14.87 14.11
N ASP B 260 14.16 -15.65 13.20
CA ASP B 260 14.87 -16.77 12.59
C ASP B 260 16.09 -16.29 11.78
N LYS B 261 15.90 -15.25 10.96
CA LYS B 261 16.93 -14.80 10.04
C LYS B 261 18.20 -14.39 10.80
N TYR B 262 18.02 -13.72 11.94
CA TYR B 262 19.15 -13.22 12.70
C TYR B 262 19.52 -14.13 13.85
N ASN B 263 18.87 -15.31 13.96
CA ASN B 263 19.13 -16.28 15.02
C ASN B 263 19.07 -15.58 16.39
N ILE B 264 18.02 -14.78 16.57
CA ILE B 264 17.85 -14.08 17.84
C ILE B 264 17.22 -15.02 18.87
N GLU B 265 17.78 -15.03 20.09
CA GLU B 265 17.24 -15.84 21.17
C GLU B 265 16.27 -14.94 21.95
N LEU B 266 14.99 -15.27 21.91
CA LEU B 266 13.98 -14.39 22.54
C LEU B 266 13.78 -14.73 24.01
N ASP B 267 13.44 -13.74 24.82
CA ASP B 267 13.12 -13.99 26.24
C ASP B 267 11.88 -14.90 26.28
N PRO B 268 11.85 -15.93 27.13
CA PRO B 268 10.68 -16.79 27.24
C PRO B 268 9.37 -15.99 27.34
N ARG B 269 9.34 -15.01 28.24
CA ARG B 269 8.13 -14.17 28.42
C ARG B 269 7.49 -13.93 27.06
N PHE B 270 8.26 -13.34 26.15
CA PHE B 270 7.74 -13.00 24.81
C PHE B 270 6.98 -14.16 24.19
N ASN B 271 7.30 -15.39 24.56
CA ASN B 271 6.63 -16.51 23.86
C ASN B 271 5.18 -16.63 24.35
N ASP B 272 4.94 -16.40 25.63
CA ASP B 272 3.57 -16.59 26.16
C ASP B 272 2.79 -15.28 26.08
N ILE B 273 3.35 -14.26 25.44
CA ILE B 273 2.67 -12.93 25.45
C ILE B 273 2.44 -12.44 24.02
N LEU B 274 3.20 -12.94 23.04
CA LEU B 274 3.08 -12.37 21.67
C LEU B 274 1.96 -13.09 20.93
N GLY B 275 1.91 -14.42 21.03
CA GLY B 275 0.82 -15.18 20.40
C GLY B 275 0.91 -15.19 18.89
N ARG B 276 -0.23 -15.23 18.21
CA ARG B 276 -0.26 -15.27 16.76
C ARG B 276 -1.19 -14.15 16.32
N HIS B 277 -0.70 -13.28 15.44
CA HIS B 277 -1.48 -12.16 14.95
C HIS B 277 -1.28 -12.03 13.45
N SER B 278 -2.38 -11.73 12.76
CA SER B 278 -2.35 -11.37 11.36
C SER B 278 -1.68 -10.02 11.14
N ARG B 279 -1.08 -9.83 9.96
CA ARG B 279 -0.62 -8.51 9.56
C ARG B 279 -1.81 -7.69 9.15
N LYS B 280 -2.07 -6.56 9.82
CA LYS B 280 -3.30 -5.81 9.66
C LYS B 280 -3.10 -4.78 8.55
N ARG B 281 -4.14 -4.61 7.70
CA ARG B 281 -4.10 -3.64 6.64
C ARG B 281 -4.23 -2.24 7.22
N TRP B 282 -3.51 -1.28 6.66
CA TRP B 282 -3.42 0.08 7.16
C TRP B 282 -4.77 0.80 7.13
N GLU B 283 -5.71 0.27 6.34
CA GLU B 283 -7.02 0.90 6.23
C GLU B 283 -7.82 0.85 7.54
N ARG B 284 -7.43 -0.06 8.43
CA ARG B 284 -8.10 -0.32 9.68
C ARG B 284 -7.91 0.84 10.68
N PHE B 285 -6.89 1.69 10.44
CA PHE B 285 -6.56 2.82 11.30
C PHE B 285 -7.17 4.12 10.76
N VAL B 286 -7.76 4.10 9.55
CA VAL B 286 -8.26 5.31 8.92
C VAL B 286 -9.70 5.55 9.40
N HIS B 287 -10.03 6.81 9.69
CA HIS B 287 -11.31 7.18 10.29
C HIS B 287 -11.65 8.59 9.82
N SER B 288 -12.90 9.03 10.05
CA SER B 288 -13.45 10.29 9.57
C SER B 288 -12.59 11.51 9.90
N GLU B 289 -12.02 11.47 11.12
CA GLU B 289 -11.29 12.57 11.72
C GLU B 289 -9.78 12.50 11.53
N ASN B 290 -9.25 11.60 10.67
CA ASN B 290 -7.86 11.62 10.27
C ASN B 290 -7.71 11.38 8.76
N GLN B 291 -8.82 11.16 8.05
CA GLN B 291 -8.73 10.68 6.68
C GLN B 291 -8.06 11.71 5.77
N HIS B 292 -8.15 12.98 6.13
CA HIS B 292 -7.56 14.05 5.34
C HIS B 292 -6.02 14.00 5.38
N LEU B 293 -5.45 13.21 6.31
CA LEU B 293 -4.00 13.12 6.47
C LEU B 293 -3.45 11.86 5.82
N VAL B 294 -4.34 10.96 5.37
CA VAL B 294 -3.95 9.64 4.89
C VAL B 294 -4.12 9.62 3.37
N SER B 295 -3.08 9.18 2.69
CA SER B 295 -3.03 9.04 1.25
C SER B 295 -2.49 7.65 0.93
N PRO B 296 -2.75 7.07 -0.25
CA PRO B 296 -2.00 5.89 -0.68
C PRO B 296 -0.49 6.03 -0.52
N GLU B 297 0.01 7.22 -0.90
CA GLU B 297 1.43 7.53 -0.80
C GLU B 297 1.89 7.46 0.65
N ALA B 298 1.15 8.08 1.55
CA ALA B 298 1.51 8.11 2.96
C ALA B 298 1.58 6.69 3.50
N LEU B 299 0.62 5.84 3.14
CA LEU B 299 0.54 4.48 3.66
C LEU B 299 1.68 3.62 3.09
N ASP B 300 2.01 3.82 1.81
CA ASP B 300 3.09 3.08 1.17
C ASP B 300 4.42 3.42 1.86
N PHE B 301 4.63 4.72 2.10
CA PHE B 301 5.83 5.22 2.74
C PHE B 301 5.93 4.66 4.15
N LEU B 302 4.85 4.78 4.93
CA LEU B 302 4.83 4.30 6.31
C LEU B 302 5.18 2.80 6.36
N ASP B 303 4.57 2.02 5.45
CA ASP B 303 4.76 0.58 5.38
C ASP B 303 6.24 0.24 5.20
N LYS B 304 6.96 1.09 4.47
CA LYS B 304 8.35 0.85 4.10
C LYS B 304 9.34 1.35 5.16
N LEU B 305 8.85 2.08 6.17
CA LEU B 305 9.64 2.42 7.36
C LEU B 305 9.45 1.37 8.45
N LEU B 306 8.18 1.02 8.72
CA LEU B 306 7.84 0.14 9.83
C LEU B 306 7.98 -1.34 9.43
N ARG B 307 9.23 -1.82 9.32
CA ARG B 307 9.56 -3.23 9.12
C ARG B 307 10.37 -3.70 10.32
N TYR B 308 10.09 -4.94 10.77
CA TYR B 308 10.91 -5.58 11.80
C TYR B 308 12.39 -5.59 11.41
N ASP B 309 12.66 -6.11 10.21
CA ASP B 309 14.02 -6.26 9.71
C ASP B 309 14.57 -4.88 9.39
N HIS B 310 15.49 -4.41 10.25
CA HIS B 310 16.13 -3.12 10.09
C HIS B 310 16.74 -2.96 8.70
N GLN B 311 17.24 -4.05 8.09
CA GLN B 311 17.88 -3.98 6.78
C GLN B 311 16.85 -3.64 5.67
N SER B 312 15.56 -3.90 5.89
CA SER B 312 14.57 -3.71 4.82
C SER B 312 13.93 -2.33 4.92
N ARG B 313 14.16 -1.57 6.00
CA ARG B 313 13.56 -0.23 6.10
C ARG B 313 14.23 0.70 5.10
N LEU B 314 13.47 1.68 4.62
CA LEU B 314 14.08 2.76 3.84
C LEU B 314 15.19 3.43 4.65
N THR B 315 16.24 3.83 3.94
CA THR B 315 17.20 4.81 4.44
C THR B 315 16.53 6.19 4.43
N ALA B 316 17.12 7.15 5.15
CA ALA B 316 16.68 8.54 5.06
C ALA B 316 16.67 9.04 3.61
N ARG B 317 17.73 8.74 2.86
CA ARG B 317 17.86 9.24 1.50
C ARG B 317 16.83 8.60 0.58
N GLU B 318 16.57 7.29 0.78
CA GLU B 318 15.52 6.59 0.03
C GLU B 318 14.16 7.19 0.36
N ALA B 319 13.89 7.45 1.64
CA ALA B 319 12.62 8.00 2.10
C ALA B 319 12.33 9.33 1.40
N MET B 320 13.37 10.14 1.24
CA MET B 320 13.26 11.48 0.63
C MET B 320 12.85 11.36 -0.84
N GLU B 321 13.12 10.21 -1.47
CA GLU B 321 12.80 10.00 -2.89
C GLU B 321 11.43 9.36 -3.07
N HIS B 322 10.74 9.07 -1.96
CA HIS B 322 9.41 8.46 -2.03
C HIS B 322 8.39 9.47 -2.59
N PRO B 323 7.41 9.00 -3.40
CA PRO B 323 6.35 9.85 -3.92
C PRO B 323 5.62 10.74 -2.91
N TYR B 324 5.55 10.35 -1.63
CA TYR B 324 4.95 11.20 -0.60
C TYR B 324 5.56 12.62 -0.61
N PHE B 325 6.84 12.73 -1.01
CA PHE B 325 7.54 14.01 -0.93
C PHE B 325 7.64 14.73 -2.27
N TYR B 326 7.04 14.21 -3.36
CA TYR B 326 7.18 14.86 -4.66
C TYR B 326 6.73 16.32 -4.61
N THR B 327 5.59 16.62 -3.95
CA THR B 327 5.06 17.98 -3.89
C THR B 327 6.04 18.88 -3.14
N VAL B 328 6.56 18.40 -2.00
CA VAL B 328 7.49 19.18 -1.18
C VAL B 328 8.72 19.54 -2.03
N VAL B 329 9.27 18.53 -2.74
CA VAL B 329 10.51 18.70 -3.50
C VAL B 329 10.28 19.78 -4.56
N LYS B 330 9.11 19.72 -5.23
CA LYS B 330 8.68 20.71 -6.20
C LYS B 330 8.82 22.14 -5.63
N ASP B 331 8.04 22.48 -4.60
CA ASP B 331 8.11 23.82 -4.00
C ASP B 331 9.23 23.82 -2.95
S SO4 C . -24.64 -20.98 -16.75
O1 SO4 C . -25.11 -21.21 -15.40
O2 SO4 C . -25.76 -20.90 -17.66
O3 SO4 C . -23.88 -19.76 -16.81
O4 SO4 C . -23.83 -22.09 -17.14
S SO4 D . -35.83 -20.31 -32.33
O1 SO4 D . -36.88 -20.92 -31.56
O2 SO4 D . -35.80 -18.89 -32.09
O3 SO4 D . -36.07 -20.57 -33.73
O4 SO4 D . -34.55 -20.88 -31.93
S SO4 E . -14.08 -24.88 -15.64
O1 SO4 E . -14.34 -24.37 -14.33
O2 SO4 E . -15.01 -25.94 -15.93
O3 SO4 E . -12.74 -25.40 -15.69
O4 SO4 E . -14.22 -23.84 -16.63
C1 A1H6D F . -5.27 -6.39 -24.37
O1 A1H6D F . -12.95 -12.69 -31.05
C7 A1H6D F . -10.11 -10.52 -29.87
C8 A1H6D F . -12.90 -10.23 -31.99
C9 A1H6D F . -12.22 -9.42 -32.86
C10 A1H6D F . -12.83 -8.31 -33.42
C11 A1H6D F . -14.13 -8.00 -33.13
C12 A1H6D F . -14.88 -8.81 -32.24
C13 A1H6D F . -14.27 -9.95 -31.65
C19 A1H6D F . -6.09 -4.78 -22.74
C20 A1H6D F . -5.93 -3.87 -21.57
C21 A1H6D F . -5.81 -4.38 -20.27
C23 A1H6D F . -5.45 -2.18 -19.39
C24 A1H6D F . -5.57 -1.66 -20.66
C2 A1H6D F . -6.49 -6.39 -25.02
C3 A1H6D F . -6.67 -7.18 -26.29
C4 A1H6D F . -8.74 -8.10 -27.17
C5 A1H6D F . -8.71 -9.17 -28.23
C6 A1H6D F . -10.05 -9.33 -28.94
S A1H6D F . -12.04 -11.62 -31.34
O A1H6D F . -10.94 -11.87 -32.22
C14 A1H6D F . -15.07 -10.76 -30.81
C15 A1H6D F . -16.37 -10.42 -30.59
N2 A1H6D F . -16.97 -9.33 -31.12
C16 A1H6D F . -16.24 -8.55 -31.91
N1 A1H6D F . -11.43 -11.14 -29.93
N A1H6D F . -7.68 -8.22 -26.18
C17 A1H6D F . -7.52 -5.60 -24.52
C18 A1H6D F . -7.32 -4.82 -23.39
C A1H6D F . -5.06 -5.58 -23.26
CL A1H6D F . -3.46 -5.49 -22.62
C25 A1H6D F . -5.81 -2.49 -21.75
C22 A1H6D F . -5.58 -3.54 -19.20
S SO4 G . 24.87 4.16 25.72
O1 SO4 G . 23.92 3.65 26.67
O2 SO4 G . 24.41 5.43 25.22
O3 SO4 G . 26.14 4.33 26.37
O4 SO4 G . 25.02 3.24 24.61
S SO4 H . 37.12 18.09 32.40
O1 SO4 H . 37.41 19.39 32.96
O2 SO4 H . 35.76 17.72 32.72
O3 SO4 H . 37.27 18.12 30.97
O4 SO4 H . 38.03 17.12 32.96
S SO4 I . 35.15 19.26 37.96
O1 SO4 I . 34.39 19.36 39.19
O2 SO4 I . 34.28 19.09 36.83
O3 SO4 I . 35.91 20.49 37.79
O4 SO4 I . 36.03 18.13 38.05
C1 A1H6D J . 6.44 17.74 17.63
O1 A1H6D J . 13.61 20.51 25.75
C7 A1H6D J . 10.97 21.17 23.10
C8 A1H6D J . 13.24 22.80 24.53
C9 A1H6D J . 12.42 23.87 24.40
C10 A1H6D J . 12.86 25.05 23.83
C11 A1H6D J . 14.14 25.16 23.38
C12 A1H6D J . 15.04 24.08 23.48
C13 A1H6D J . 14.60 22.86 24.08
C19 A1H6D J . 6.14 17.86 15.23
C20 A1H6D J . 5.84 17.25 13.89
C21 A1H6D J . 5.06 17.92 12.95
C23 A1H6D J . 5.12 16.04 11.48
C24 A1H6D J . 5.91 15.37 12.38
C2 A1H6D J . 6.69 19.11 17.70
C3 A1H6D J . 6.82 19.81 19.02
C4 A1H6D J . 9.01 20.04 20.03
C5 A1H6D J . 9.14 20.83 21.32
C6 A1H6D J . 10.06 20.18 22.37
S A1H6D J . 12.56 21.34 25.25
O A1H6D J . 11.52 21.75 26.14
C14 A1H6D J . 15.53 21.80 24.14
C15 A1H6D J . 16.78 21.97 23.63
N2 A1H6D J . 17.22 23.10 23.05
C16 A1H6D J . 16.37 24.12 22.98
N1 A1H6D J . 11.85 20.50 24.06
N A1H6D J . 7.80 19.22 19.94
C17 A1H6D J . 6.69 19.83 16.51
C18 A1H6D J . 6.40 19.23 15.30
C A1H6D J . 6.15 17.14 16.42
CL A1H6D J . 5.74 15.46 16.41
C25 A1H6D J . 6.29 15.97 13.57
C22 A1H6D J . 4.71 17.32 11.75
#